data_4N3S
#
_entry.id   4N3S
#
_cell.length_a   118.010
_cell.length_b   118.010
_cell.length_c   77.510
_cell.angle_alpha   90.000
_cell.angle_beta   90.000
_cell.angle_gamma   90.000
#
_symmetry.space_group_name_H-M   'P 41'
#
loop_
_entity.id
_entity.type
_entity.pdbx_description
1 polymer 'Eukaryotic translation initiation factor 5B'
2 non-polymer GLYCEROL
3 non-polymer 1,2-ETHANEDIOL
4 water water
#
_entity_poly.entity_id   1
_entity_poly.type   'polypeptide(L)'
_entity_poly.pdbx_seq_one_letter_code
;SHMNKKDLRSPICCILGHVDTGKTKLLDKIRQTNVQGGEAGGITQQIGATYFPIDAIKAKTKVMAEYEKQTFDVPGLLVI
DTPGHESFSNLRSRGSSLCNIAILVIDIMHGLEQQTIESIKLLRDRKAPFVVALNKIDRLYDWKAIPNNSFRDSFAKQSR
AVQEEFQSRYSKIQLELAEQGLNSELYFQNKNMSKYVSIVPTSAVTGEGVPDLLWLLLELTQKRMSKQLMYLSHVEATIL
EVKVVEGFGTTIDVILSNGYLREGDRIVLCGMNGPIVTNIRALLTPQPLRELRLKSEYVHHKEVKAALGVKIAANDLEKA
VSGSRLLVVGPEDDEDELMDDVMDDLTGLLDSVDTTGKGVVVQASTLGSLEALLDFLKDMKIPVMSIGLGPVYKRDVMKA
STMLEKAPEYAVMLCFDVKVDKEAEQYAEQEGIKIFNADVIYHLFDSFTAYQEKLLE
;
_entity_poly.pdbx_strand_id   A,B
#
loop_
_chem_comp.id
_chem_comp.type
_chem_comp.name
_chem_comp.formula
EDO non-polymer 1,2-ETHANEDIOL 'C2 H6 O2'
GOL non-polymer GLYCEROL 'C3 H8 O3'
#
# COMPACT_ATOMS: atom_id res chain seq x y z
N LYS A 6 21.91 16.00 7.23
CA LYS A 6 20.89 15.01 7.54
C LYS A 6 21.53 13.70 8.02
N ASP A 7 20.77 12.91 8.76
CA ASP A 7 21.20 11.54 9.08
C ASP A 7 20.34 10.57 8.31
N LEU A 8 20.83 10.15 7.15
CA LEU A 8 20.08 9.25 6.33
C LEU A 8 20.47 7.82 6.66
N ARG A 9 19.51 6.94 6.52
CA ARG A 9 19.76 5.53 6.70
C ARG A 9 20.59 5.00 5.55
N SER A 10 21.39 3.98 5.82
CA SER A 10 22.04 3.24 4.76
C SER A 10 20.97 2.45 4.04
N PRO A 11 20.90 2.58 2.71
CA PRO A 11 19.95 1.78 1.93
C PRO A 11 20.32 0.30 1.94
N ILE A 12 19.34 -0.55 1.67
CA ILE A 12 19.57 -1.99 1.66
C ILE A 12 19.19 -2.58 0.31
N CYS A 13 20.07 -3.40 -0.25
CA CYS A 13 19.76 -4.10 -1.50
C CYS A 13 20.03 -5.60 -1.42
N CYS A 14 19.57 -6.32 -2.43
CA CYS A 14 19.81 -7.76 -2.52
C CYS A 14 20.14 -8.20 -3.93
N ILE A 15 20.78 -9.35 -4.05
CA ILE A 15 21.14 -9.91 -5.36
C ILE A 15 20.40 -11.21 -5.63
N LEU A 16 19.69 -11.24 -6.76
CA LEU A 16 19.00 -12.43 -7.21
C LEU A 16 19.82 -13.04 -8.34
N GLY A 17 20.63 -14.04 -7.99
CA GLY A 17 21.58 -14.63 -8.93
C GLY A 17 21.57 -16.14 -8.92
N HIS A 18 22.05 -16.73 -10.02
CA HIS A 18 22.12 -18.18 -10.20
C HIS A 18 22.41 -18.94 -8.91
N LYS A 25 30.85 -15.78 -8.89
CA LYS A 25 29.84 -15.10 -8.08
C LYS A 25 29.99 -13.59 -8.10
N LEU A 26 28.94 -12.87 -8.49
CA LEU A 26 29.00 -11.41 -8.69
C LEU A 26 29.33 -10.66 -7.40
N LEU A 27 28.80 -11.17 -6.31
CA LEU A 27 28.96 -10.48 -5.06
C LEU A 27 30.33 -10.80 -4.52
N ASP A 28 30.94 -11.86 -5.04
CA ASP A 28 32.29 -12.20 -4.62
C ASP A 28 33.18 -11.10 -5.18
N LYS A 29 32.86 -10.65 -6.39
CA LYS A 29 33.62 -9.56 -7.01
C LYS A 29 33.34 -8.20 -6.41
N ILE A 30 32.11 -7.96 -5.99
CA ILE A 30 31.84 -6.61 -5.49
C ILE A 30 32.49 -6.44 -4.12
N ARG A 31 32.58 -7.54 -3.38
CA ARG A 31 33.07 -7.53 -2.00
C ARG A 31 34.59 -7.49 -1.91
N GLN A 32 35.24 -7.55 -3.05
CA GLN A 32 36.69 -7.58 -3.10
C GLN A 32 37.28 -6.19 -2.88
N THR A 33 38.37 -6.14 -2.12
CA THR A 33 39.07 -4.90 -1.83
C THR A 33 40.57 -5.09 -1.94
N ASN A 34 41.26 -4.06 -2.42
CA ASN A 34 42.71 -4.13 -2.59
C ASN A 34 43.46 -3.14 -1.70
N VAL A 35 44.47 -3.63 -1.00
CA VAL A 35 45.27 -2.80 -0.11
C VAL A 35 45.77 -1.56 -0.83
N GLY A 41 38.02 0.03 1.63
CA GLY A 41 38.45 -0.34 2.97
C GLY A 41 37.34 -0.29 4.00
N GLY A 42 37.14 -1.39 4.70
CA GLY A 42 36.14 -1.47 5.77
C GLY A 42 34.92 -2.31 5.43
N ILE A 43 34.93 -2.95 4.27
CA ILE A 43 33.85 -3.85 3.89
C ILE A 43 33.80 -5.05 4.85
N THR A 44 32.64 -5.33 5.40
CA THR A 44 32.56 -6.29 6.49
C THR A 44 31.51 -7.37 6.24
N GLN A 45 31.86 -8.61 6.51
CA GLN A 45 30.90 -9.68 6.43
C GLN A 45 30.07 -9.64 7.70
N GLN A 46 28.76 -9.63 7.54
CA GLN A 46 27.85 -9.60 8.66
C GLN A 46 27.02 -10.88 8.61
N ILE A 47 25.99 -10.98 9.44
CA ILE A 47 25.17 -12.17 9.41
C ILE A 47 24.15 -12.03 8.30
N GLY A 48 24.33 -12.83 7.25
CA GLY A 48 23.39 -12.87 6.14
C GLY A 48 23.47 -11.65 5.26
N ALA A 49 24.49 -10.82 5.46
CA ALA A 49 24.62 -9.62 4.68
C ALA A 49 26.04 -9.15 4.69
N THR A 50 26.37 -8.26 3.76
CA THR A 50 27.67 -7.62 3.70
C THR A 50 27.50 -6.11 3.69
N TYR A 51 28.26 -5.40 4.52
CA TYR A 51 28.12 -3.95 4.61
C TYR A 51 29.28 -3.20 3.98
N PHE A 52 28.94 -2.21 3.17
CA PHE A 52 29.91 -1.37 2.46
C PHE A 52 29.91 0.06 2.95
N PRO A 53 30.93 0.44 3.73
CA PRO A 53 31.01 1.81 4.22
C PRO A 53 31.16 2.80 3.06
N ILE A 54 30.66 4.01 3.21
CA ILE A 54 30.59 4.94 2.08
C ILE A 54 31.96 5.25 1.46
N ASP A 55 33.03 5.18 2.25
CA ASP A 55 34.36 5.49 1.74
C ASP A 55 34.86 4.42 0.79
N ALA A 56 34.52 3.17 1.12
CA ALA A 56 34.83 2.05 0.25
C ALA A 56 34.14 2.20 -1.09
N ILE A 57 32.90 2.63 -1.04
CA ILE A 57 32.12 2.87 -2.24
C ILE A 57 32.69 4.01 -3.06
N LYS A 58 33.15 5.07 -2.40
CA LYS A 58 33.82 6.16 -3.08
C LYS A 58 35.02 5.63 -3.85
N ALA A 59 35.82 4.85 -3.15
CA ALA A 59 37.00 4.27 -3.75
C ALA A 59 36.66 3.42 -4.96
N LYS A 60 35.55 2.69 -4.87
CA LYS A 60 35.20 1.78 -5.94
C LYS A 60 34.46 2.45 -7.09
N THR A 61 33.98 3.68 -6.86
CA THR A 61 33.23 4.36 -7.90
C THR A 61 33.99 5.57 -8.41
N LYS A 62 35.23 5.67 -7.99
CA LYS A 62 36.12 6.71 -8.48
C LYS A 62 36.12 6.87 -10.00
N VAL A 63 36.19 5.77 -10.73
CA VAL A 63 36.23 5.85 -12.19
C VAL A 63 34.93 6.38 -12.79
N MET A 64 33.86 6.44 -12.00
CA MET A 64 32.58 6.92 -12.51
C MET A 64 32.49 8.45 -12.66
N ALA A 65 33.48 9.15 -12.12
CA ALA A 65 33.54 10.61 -12.24
C ALA A 65 33.63 11.00 -13.69
N GLU A 66 34.16 10.09 -14.50
CA GLU A 66 34.31 10.33 -15.93
C GLU A 66 33.00 10.55 -16.62
N TYR A 67 31.94 9.98 -16.06
CA TYR A 67 30.67 9.97 -16.76
C TYR A 67 29.57 10.60 -15.97
N GLU A 68 29.76 10.74 -14.65
CA GLU A 68 28.63 11.16 -13.83
C GLU A 68 29.00 12.02 -12.64
N LYS A 69 28.02 12.80 -12.21
CA LYS A 69 28.05 13.50 -10.93
C LYS A 69 27.94 12.48 -9.82
N GLN A 70 28.66 12.68 -8.73
CA GLN A 70 28.60 11.72 -7.65
C GLN A 70 28.03 12.30 -6.34
N THR A 71 27.26 11.47 -5.63
CA THR A 71 26.60 11.87 -4.38
C THR A 71 26.86 10.84 -3.27
N PHE A 72 27.42 11.29 -2.15
CA PHE A 72 27.75 10.39 -1.04
C PHE A 72 27.13 10.88 0.29
N ASP A 73 25.81 10.74 0.42
CA ASP A 73 25.09 11.27 1.58
C ASP A 73 24.60 10.20 2.57
N VAL A 74 24.96 8.93 2.34
CA VAL A 74 24.54 7.85 3.23
C VAL A 74 25.75 7.24 3.90
N PRO A 75 25.54 6.58 5.05
CA PRO A 75 26.69 6.03 5.78
C PRO A 75 27.34 4.87 5.03
N GLY A 76 26.56 4.20 4.20
CA GLY A 76 27.05 3.07 3.42
C GLY A 76 25.91 2.30 2.80
N LEU A 77 26.19 1.07 2.40
CA LEU A 77 25.18 0.26 1.75
C LEU A 77 25.21 -1.17 2.27
N LEU A 78 24.04 -1.71 2.61
CA LEU A 78 23.95 -3.08 3.06
C LEU A 78 23.46 -3.97 1.94
N VAL A 79 24.18 -5.06 1.73
CA VAL A 79 23.81 -6.02 0.70
C VAL A 79 23.43 -7.35 1.31
N ILE A 80 22.15 -7.71 1.23
CA ILE A 80 21.72 -9.01 1.71
C ILE A 80 22.29 -10.10 0.80
N ASP A 81 23.08 -11.02 1.35
CA ASP A 81 23.88 -11.94 0.54
C ASP A 81 23.45 -13.41 0.50
N THR A 82 22.41 -13.77 1.24
CA THR A 82 21.94 -15.16 1.33
C THR A 82 21.41 -15.66 -0.03
N PRO A 83 21.29 -16.98 -0.21
CA PRO A 83 21.10 -17.37 -1.61
C PRO A 83 19.66 -17.39 -2.09
N GLY A 84 18.69 -17.25 -1.19
CA GLY A 84 17.30 -17.36 -1.57
C GLY A 84 16.53 -16.08 -1.83
N HIS A 85 15.26 -16.11 -1.45
CA HIS A 85 14.37 -14.96 -1.53
C HIS A 85 14.15 -14.31 -0.18
N GLU A 86 15.14 -14.41 0.70
CA GLU A 86 14.98 -13.96 2.08
C GLU A 86 14.58 -12.48 2.14
N SER A 87 14.97 -11.70 1.14
CA SER A 87 14.65 -10.28 1.10
C SER A 87 13.17 -10.02 0.94
N PHE A 88 12.41 -11.08 0.71
CA PHE A 88 10.97 -10.95 0.54
C PHE A 88 10.23 -11.78 1.57
N SER A 89 10.84 -11.95 2.74
CA SER A 89 10.30 -12.79 3.81
C SER A 89 9.13 -12.14 4.52
N ASN A 90 9.14 -10.81 4.56
CA ASN A 90 8.06 -10.07 5.20
C ASN A 90 6.93 -9.80 4.22
N LEU A 91 5.83 -9.25 4.72
CA LEU A 91 4.73 -8.88 3.88
C LEU A 91 5.20 -7.84 2.86
N ARG A 92 4.60 -7.84 1.68
CA ARG A 92 5.06 -6.94 0.64
C ARG A 92 4.89 -5.48 1.09
N SER A 93 3.90 -5.24 1.94
CA SER A 93 3.61 -3.91 2.48
C SER A 93 4.76 -3.33 3.32
N ARG A 94 5.59 -4.19 3.87
CA ARG A 94 6.75 -3.72 4.62
C ARG A 94 8.04 -3.99 3.86
N GLY A 95 7.91 -4.38 2.60
CA GLY A 95 9.05 -4.76 1.78
C GLY A 95 10.25 -3.84 1.84
N SER A 96 10.02 -2.54 1.74
CA SER A 96 11.12 -1.59 1.64
C SER A 96 11.88 -1.47 2.95
N SER A 97 11.25 -1.91 4.04
N SER A 97 11.26 -1.90 4.04
CA SER A 97 11.92 -1.96 5.34
CA SER A 97 11.95 -1.94 5.32
C SER A 97 13.02 -2.99 5.30
C SER A 97 13.08 -2.94 5.22
N LEU A 98 12.82 -4.03 4.52
CA LEU A 98 13.76 -5.13 4.46
C LEU A 98 14.75 -4.93 3.33
N CYS A 99 14.26 -4.45 2.19
CA CYS A 99 15.12 -4.27 1.03
C CYS A 99 14.65 -3.11 0.13
N ASN A 100 15.50 -2.13 -0.12
CA ASN A 100 15.08 -0.97 -0.92
C ASN A 100 15.06 -1.25 -2.43
N ILE A 101 16.02 -2.03 -2.90
CA ILE A 101 16.16 -2.33 -4.33
C ILE A 101 16.85 -3.68 -4.62
N ALA A 102 16.38 -4.40 -5.62
CA ALA A 102 16.97 -5.70 -5.94
C ALA A 102 17.84 -5.64 -7.17
N ILE A 103 18.80 -6.55 -7.25
CA ILE A 103 19.63 -6.64 -8.41
C ILE A 103 19.37 -7.97 -9.05
N LEU A 104 18.75 -7.94 -10.22
CA LEU A 104 18.48 -9.14 -10.95
C LEU A 104 19.62 -9.44 -11.89
N VAL A 105 20.37 -10.50 -11.59
CA VAL A 105 21.52 -10.87 -12.41
C VAL A 105 21.08 -11.72 -13.62
N ILE A 106 21.54 -11.36 -14.81
CA ILE A 106 21.21 -12.08 -16.03
C ILE A 106 22.47 -12.43 -16.80
N ASP A 107 22.64 -13.69 -17.18
CA ASP A 107 23.81 -14.13 -17.93
C ASP A 107 23.72 -13.68 -19.39
N ILE A 108 24.69 -12.87 -19.81
CA ILE A 108 24.66 -12.32 -21.16
C ILE A 108 24.91 -13.40 -22.22
N MET A 109 25.55 -14.48 -21.80
CA MET A 109 25.92 -15.51 -22.75
C MET A 109 24.78 -16.50 -23.00
N HIS A 110 24.26 -17.10 -21.95
CA HIS A 110 23.20 -18.07 -22.15
C HIS A 110 21.85 -17.58 -21.72
N GLY A 111 21.70 -16.26 -21.63
CA GLY A 111 20.40 -15.65 -21.41
C GLY A 111 19.68 -16.06 -20.14
N LEU A 112 18.36 -15.89 -20.14
CA LEU A 112 17.52 -16.19 -18.99
C LEU A 112 17.51 -17.66 -18.59
N GLU A 113 17.74 -17.93 -17.31
CA GLU A 113 17.49 -19.25 -16.74
C GLU A 113 16.04 -19.23 -16.26
N GLN A 114 15.51 -20.36 -15.79
CA GLN A 114 14.13 -20.36 -15.31
C GLN A 114 14.04 -19.61 -14.00
N GLN A 115 15.06 -19.81 -13.16
CA GLN A 115 15.17 -19.14 -11.86
C GLN A 115 15.02 -17.63 -12.06
N THR A 116 15.58 -17.14 -13.16
CA THR A 116 15.52 -15.72 -13.52
C THR A 116 14.08 -15.32 -13.81
N ILE A 117 13.38 -16.18 -14.54
CA ILE A 117 11.99 -15.97 -14.92
C ILE A 117 11.05 -15.90 -13.68
N GLU A 118 11.20 -16.88 -12.78
CA GLU A 118 10.51 -16.84 -11.49
C GLU A 118 10.81 -15.56 -10.75
N SER A 119 12.09 -15.20 -10.66
CA SER A 119 12.49 -13.97 -9.97
C SER A 119 11.79 -12.76 -10.57
N ILE A 120 11.66 -12.72 -11.88
CA ILE A 120 10.93 -11.64 -12.53
C ILE A 120 9.47 -11.58 -12.07
N LYS A 121 8.82 -12.75 -12.09
CA LYS A 121 7.42 -12.81 -11.65
C LYS A 121 7.26 -12.37 -10.19
N LEU A 122 8.18 -12.83 -9.34
CA LEU A 122 8.18 -12.53 -7.91
C LEU A 122 8.35 -11.06 -7.66
N LEU A 123 9.26 -10.45 -8.41
CA LEU A 123 9.50 -9.02 -8.30
C LEU A 123 8.26 -8.25 -8.74
N ARG A 124 7.60 -8.71 -9.79
CA ARG A 124 6.41 -8.00 -10.20
C ARG A 124 5.29 -8.14 -9.15
N ASP A 125 5.14 -9.33 -8.59
CA ASP A 125 4.11 -9.57 -7.57
C ASP A 125 4.38 -8.83 -6.27
N ARG A 126 5.64 -8.73 -5.88
CA ARG A 126 6.01 -7.99 -4.67
C ARG A 126 6.02 -6.49 -4.93
N LYS A 127 5.97 -6.11 -6.21
CA LYS A 127 6.08 -4.71 -6.63
C LYS A 127 7.36 -4.08 -6.10
N ALA A 128 8.43 -4.85 -6.15
CA ALA A 128 9.72 -4.41 -5.66
C ALA A 128 10.57 -3.83 -6.78
N PRO A 129 11.18 -2.66 -6.53
CA PRO A 129 12.08 -2.04 -7.52
C PRO A 129 13.40 -2.81 -7.67
N PHE A 130 13.91 -2.82 -8.89
CA PHE A 130 15.13 -3.56 -9.17
C PHE A 130 15.82 -3.06 -10.42
N VAL A 131 17.09 -3.38 -10.52
CA VAL A 131 17.84 -3.14 -11.73
C VAL A 131 18.39 -4.46 -12.22
N VAL A 132 18.91 -4.49 -13.45
CA VAL A 132 19.48 -5.72 -13.99
C VAL A 132 20.99 -5.62 -14.05
N ALA A 133 21.67 -6.62 -13.52
CA ALA A 133 23.10 -6.73 -13.76
C ALA A 133 23.29 -7.76 -14.86
N LEU A 134 23.65 -7.26 -16.03
CA LEU A 134 23.89 -8.10 -17.21
C LEU A 134 25.33 -8.58 -17.20
N ASN A 135 25.52 -9.70 -16.53
CA ASN A 135 26.83 -10.27 -16.22
C ASN A 135 27.52 -11.10 -17.30
N LYS A 136 28.80 -11.40 -17.09
CA LYS A 136 29.59 -12.24 -17.98
C LYS A 136 30.02 -11.62 -19.32
N ILE A 137 30.16 -10.31 -19.36
CA ILE A 137 30.61 -9.61 -20.56
C ILE A 137 32.02 -10.04 -20.96
N ASP A 138 32.80 -10.52 -20.00
CA ASP A 138 34.15 -10.98 -20.27
C ASP A 138 34.14 -12.16 -21.26
N ARG A 139 33.06 -12.92 -21.27
CA ARG A 139 32.97 -14.11 -22.11
C ARG A 139 32.77 -13.73 -23.57
N LEU A 140 32.55 -12.45 -23.85
CA LEU A 140 32.48 -11.97 -25.22
C LEU A 140 33.86 -12.24 -25.82
N TYR A 141 33.91 -12.76 -27.04
CA TYR A 141 35.18 -13.22 -27.62
C TYR A 141 36.15 -12.08 -27.91
N ASP A 142 37.39 -12.24 -27.47
CA ASP A 142 38.44 -11.22 -27.57
C ASP A 142 38.08 -9.99 -26.74
N TRP A 143 37.31 -10.19 -25.67
CA TRP A 143 37.09 -9.11 -24.74
C TRP A 143 38.43 -8.77 -24.13
N LYS A 144 38.81 -7.50 -24.27
CA LYS A 144 40.05 -7.04 -23.69
C LYS A 144 39.70 -6.25 -22.44
N ALA A 145 40.06 -6.83 -21.30
CA ALA A 145 39.58 -6.36 -20.00
C ALA A 145 40.49 -5.34 -19.32
N ILE A 146 39.88 -4.35 -18.69
CA ILE A 146 40.54 -3.43 -17.78
C ILE A 146 39.95 -3.60 -16.41
N PRO A 147 40.73 -4.21 -15.50
CA PRO A 147 40.22 -4.53 -14.17
C PRO A 147 39.53 -3.36 -13.46
N ASN A 148 38.33 -3.64 -12.97
CA ASN A 148 37.54 -2.72 -12.15
C ASN A 148 37.24 -1.40 -12.80
N ASN A 149 37.22 -1.40 -14.13
CA ASN A 149 36.93 -0.20 -14.88
C ASN A 149 35.44 0.03 -15.01
N SER A 150 35.04 1.25 -15.35
CA SER A 150 33.64 1.52 -15.62
C SER A 150 33.30 0.84 -16.93
N PHE A 151 32.02 0.57 -17.15
CA PHE A 151 31.62 -0.10 -18.40
C PHE A 151 31.93 0.73 -19.64
N ARG A 152 31.46 1.97 -19.67
CA ARG A 152 31.56 2.77 -20.89
C ARG A 152 33.02 2.94 -21.34
N ASP A 153 33.92 3.07 -20.36
CA ASP A 153 35.32 3.24 -20.67
C ASP A 153 35.93 1.99 -21.29
N SER A 154 35.68 0.82 -20.72
CA SER A 154 36.18 -0.43 -21.30
C SER A 154 35.54 -0.76 -22.64
N PHE A 155 34.26 -0.41 -22.78
CA PHE A 155 33.49 -0.70 -23.97
C PHE A 155 33.97 0.13 -25.14
N ALA A 156 34.23 1.41 -24.90
CA ALA A 156 34.76 2.24 -25.97
C ALA A 156 36.13 1.73 -26.46
N LYS A 157 36.86 1.05 -25.58
CA LYS A 157 38.19 0.57 -25.92
C LYS A 157 38.21 -0.82 -26.52
N GLN A 158 37.03 -1.39 -26.77
CA GLN A 158 36.99 -2.71 -27.41
C GLN A 158 37.02 -2.57 -28.91
N SER A 159 37.28 -3.69 -29.58
CA SER A 159 37.23 -3.71 -31.02
C SER A 159 35.82 -3.44 -31.49
N ARG A 160 35.66 -3.07 -32.76
CA ARG A 160 34.35 -2.85 -33.31
C ARG A 160 33.63 -4.18 -33.22
N ALA A 161 34.39 -5.22 -33.45
CA ALA A 161 33.92 -6.60 -33.40
C ALA A 161 33.28 -6.94 -32.06
N VAL A 162 34.05 -6.73 -31.00
CA VAL A 162 33.58 -7.00 -29.65
C VAL A 162 32.31 -6.19 -29.36
N GLN A 163 32.29 -4.92 -29.79
CA GLN A 163 31.14 -4.04 -29.59
C GLN A 163 29.89 -4.61 -30.28
N GLU A 164 30.13 -5.25 -31.41
CA GLU A 164 29.03 -5.86 -32.14
C GLU A 164 28.53 -7.15 -31.45
N GLU A 165 29.46 -7.98 -30.94
CA GLU A 165 28.99 -9.17 -30.19
C GLU A 165 28.15 -8.74 -29.00
N PHE A 166 28.63 -7.71 -28.31
CA PHE A 166 27.85 -7.18 -27.21
C PHE A 166 26.47 -6.77 -27.70
N GLN A 167 26.39 -5.98 -28.76
CA GLN A 167 25.05 -5.58 -29.20
C GLN A 167 24.13 -6.74 -29.53
N SER A 168 24.66 -7.74 -30.21
CA SER A 168 23.85 -8.91 -30.54
C SER A 168 23.29 -9.57 -29.28
N ARG A 169 24.19 -9.97 -28.37
CA ARG A 169 23.74 -10.70 -27.19
C ARG A 169 22.78 -9.87 -26.34
N TYR A 170 23.08 -8.59 -26.24
CA TYR A 170 22.25 -7.63 -25.53
C TYR A 170 20.85 -7.58 -26.09
N SER A 171 20.75 -7.50 -27.41
CA SER A 171 19.43 -7.47 -28.01
C SER A 171 18.69 -8.78 -27.78
N LYS A 172 19.41 -9.92 -27.85
CA LYS A 172 18.78 -11.22 -27.54
C LYS A 172 18.15 -11.21 -26.16
N ILE A 173 18.92 -10.73 -25.19
CA ILE A 173 18.45 -10.60 -23.82
C ILE A 173 17.29 -9.63 -23.67
N GLN A 174 17.33 -8.49 -24.36
CA GLN A 174 16.20 -7.57 -24.32
C GLN A 174 14.95 -8.22 -24.84
N LEU A 175 15.11 -9.07 -25.84
CA LEU A 175 14.00 -9.81 -26.37
C LEU A 175 13.46 -10.73 -25.29
N GLU A 176 14.34 -11.54 -24.74
CA GLU A 176 13.96 -12.47 -23.69
C GLU A 176 13.29 -11.77 -22.49
N LEU A 177 13.67 -10.53 -22.25
CA LEU A 177 13.06 -9.70 -21.21
C LEU A 177 11.67 -9.27 -21.65
N ALA A 178 11.55 -8.87 -22.91
CA ALA A 178 10.26 -8.44 -23.45
C ALA A 178 9.25 -9.60 -23.40
N GLU A 179 9.78 -10.82 -23.53
CA GLU A 179 8.99 -12.04 -23.40
C GLU A 179 8.49 -12.29 -21.99
N GLN A 180 9.18 -11.72 -21.01
CA GLN A 180 8.69 -11.85 -19.66
C GLN A 180 7.94 -10.58 -19.31
N GLY A 181 7.69 -9.77 -20.33
CA GLY A 181 6.86 -8.59 -20.16
C GLY A 181 7.63 -7.37 -19.70
N LEU A 182 8.95 -7.44 -19.78
CA LEU A 182 9.79 -6.31 -19.39
C LEU A 182 10.45 -5.62 -20.57
N ASN A 183 10.30 -4.30 -20.58
CA ASN A 183 11.06 -3.44 -21.45
C ASN A 183 12.31 -3.11 -20.70
N SER A 184 13.41 -2.93 -21.41
CA SER A 184 14.66 -2.75 -20.71
C SER A 184 15.59 -1.82 -21.48
N GLU A 185 16.48 -1.17 -20.74
CA GLU A 185 17.38 -0.18 -21.32
C GLU A 185 18.67 -0.14 -20.53
N LEU A 186 19.77 0.22 -21.18
CA LEU A 186 21.03 0.49 -20.49
C LEU A 186 20.79 1.65 -19.54
N TYR A 187 21.39 1.61 -18.36
CA TYR A 187 21.03 2.52 -17.27
C TYR A 187 21.24 3.99 -17.59
N PHE A 188 22.28 4.29 -18.38
CA PHE A 188 22.59 5.67 -18.73
C PHE A 188 21.76 6.15 -19.94
N GLN A 189 20.89 5.28 -20.44
CA GLN A 189 19.94 5.64 -21.49
C GLN A 189 18.48 5.58 -21.00
N ASN A 190 18.26 5.42 -19.70
CA ASN A 190 16.90 5.27 -19.20
C ASN A 190 16.35 6.62 -18.78
N LYS A 191 15.35 7.08 -19.50
CA LYS A 191 14.75 8.38 -19.26
C LYS A 191 13.36 8.15 -18.69
N ASN A 192 12.93 6.89 -18.74
CA ASN A 192 11.62 6.48 -18.29
C ASN A 192 11.72 5.23 -17.43
N MET A 193 12.22 5.41 -16.21
CA MET A 193 12.45 4.31 -15.27
C MET A 193 11.15 3.65 -14.83
N SER A 194 10.07 4.40 -14.98
CA SER A 194 8.74 3.88 -14.70
C SER A 194 8.36 2.83 -15.74
N LYS A 195 8.92 2.95 -16.94
CA LYS A 195 8.64 2.01 -18.03
C LYS A 195 9.79 1.02 -18.23
N TYR A 196 11.02 1.50 -18.13
CA TYR A 196 12.18 0.67 -18.39
C TYR A 196 12.97 0.37 -17.10
N VAL A 197 13.32 -0.89 -16.92
CA VAL A 197 14.28 -1.28 -15.88
C VAL A 197 15.66 -0.95 -16.42
N SER A 198 16.53 -0.43 -15.57
CA SER A 198 17.87 -0.10 -16.00
C SER A 198 18.77 -1.33 -16.05
N ILE A 199 19.57 -1.41 -17.11
CA ILE A 199 20.49 -2.54 -17.27
C ILE A 199 21.92 -2.03 -17.08
N VAL A 200 22.66 -2.73 -16.23
CA VAL A 200 24.07 -2.48 -16.00
C VAL A 200 24.88 -3.68 -16.36
N PRO A 201 25.68 -3.58 -17.43
CA PRO A 201 26.58 -4.65 -17.83
C PRO A 201 27.73 -4.83 -16.83
N THR A 202 27.99 -6.07 -16.40
CA THR A 202 29.00 -6.32 -15.38
C THR A 202 29.87 -7.51 -15.72
N SER A 203 30.97 -7.62 -15.00
CA SER A 203 31.74 -8.85 -15.00
C SER A 203 32.17 -9.18 -13.59
N ALA A 204 31.67 -10.29 -13.07
CA ALA A 204 32.07 -10.79 -11.76
C ALA A 204 33.55 -11.18 -11.81
N VAL A 205 34.01 -11.55 -12.99
CA VAL A 205 35.39 -11.94 -13.18
C VAL A 205 36.36 -10.73 -13.14
N THR A 206 36.13 -9.72 -13.98
CA THR A 206 37.05 -8.58 -14.08
C THR A 206 36.74 -7.39 -13.18
N GLY A 207 35.48 -7.27 -12.76
CA GLY A 207 35.07 -6.15 -11.93
C GLY A 207 34.53 -5.00 -12.73
N GLU A 208 34.65 -5.09 -14.03
CA GLU A 208 34.14 -4.06 -14.91
C GLU A 208 32.61 -3.91 -14.76
N GLY A 209 32.14 -2.68 -14.68
CA GLY A 209 30.72 -2.42 -14.55
C GLY A 209 30.24 -2.41 -13.11
N VAL A 210 31.07 -2.94 -12.22
CA VAL A 210 30.76 -2.87 -10.80
C VAL A 210 30.74 -1.40 -10.26
N PRO A 211 31.70 -0.54 -10.69
CA PRO A 211 31.55 0.88 -10.33
C PRO A 211 30.22 1.47 -10.79
N ASP A 212 29.84 1.17 -12.02
CA ASP A 212 28.57 1.59 -12.57
C ASP A 212 27.40 1.15 -11.71
N LEU A 213 27.43 -0.11 -11.29
CA LEU A 213 26.36 -0.71 -10.50
C LEU A 213 26.23 -0.03 -9.12
N LEU A 214 27.36 0.18 -8.46
CA LEU A 214 27.36 0.89 -7.18
C LEU A 214 26.84 2.32 -7.31
N TRP A 215 27.34 3.01 -8.32
CA TRP A 215 26.88 4.38 -8.60
C TRP A 215 25.37 4.39 -8.82
N LEU A 216 24.86 3.44 -9.58
CA LEU A 216 23.43 3.40 -9.89
C LEU A 216 22.56 3.10 -8.68
N LEU A 217 23.00 2.16 -7.84
CA LEU A 217 22.24 1.84 -6.63
C LEU A 217 22.22 3.07 -5.70
N LEU A 218 23.38 3.68 -5.51
CA LEU A 218 23.47 4.92 -4.72
C LEU A 218 22.54 5.99 -5.28
N GLU A 219 22.52 6.09 -6.59
CA GLU A 219 21.77 7.14 -7.26
C GLU A 219 20.29 6.91 -7.06
N LEU A 220 19.81 5.70 -7.33
CA LEU A 220 18.39 5.42 -7.20
C LEU A 220 17.91 5.56 -5.74
N THR A 221 18.71 5.08 -4.79
CA THR A 221 18.27 5.16 -3.40
C THR A 221 18.28 6.58 -2.85
N GLN A 222 19.38 7.30 -3.08
CA GLN A 222 19.47 8.67 -2.56
C GLN A 222 18.55 9.67 -3.25
N LYS A 223 18.32 9.49 -4.55
CA LYS A 223 17.50 10.44 -5.28
C LYS A 223 16.00 10.10 -5.29
N ARG A 224 15.61 8.84 -5.53
CA ARG A 224 14.18 8.55 -5.73
C ARG A 224 13.56 7.85 -4.52
N MET A 225 14.38 7.61 -3.50
CA MET A 225 13.92 6.94 -2.29
C MET A 225 14.32 7.68 -1.00
N SER A 226 14.50 9.00 -1.09
CA SER A 226 14.96 9.82 0.05
C SER A 226 14.09 9.67 1.31
N LYS A 227 12.79 9.56 1.13
CA LYS A 227 11.87 9.34 2.24
C LYS A 227 12.11 8.00 2.93
N GLN A 228 12.46 6.98 2.15
CA GLN A 228 12.79 5.67 2.71
C GLN A 228 14.05 5.71 3.54
N LEU A 229 14.93 6.66 3.23
CA LEU A 229 16.19 6.82 3.94
C LEU A 229 16.15 7.84 5.10
N MET A 230 15.00 8.49 5.26
CA MET A 230 14.82 9.51 6.28
C MET A 230 15.00 8.88 7.66
N TYR A 231 15.55 9.65 8.59
CA TYR A 231 15.81 9.14 9.93
C TYR A 231 14.48 8.76 10.59
N LEU A 232 14.50 7.65 11.31
CA LEU A 232 13.31 7.16 12.00
C LEU A 232 13.55 6.95 13.48
N SER A 233 12.60 7.38 14.30
CA SER A 233 12.70 7.26 15.75
C SER A 233 12.74 5.81 16.22
N HIS A 234 11.95 4.95 15.59
CA HIS A 234 11.76 3.60 16.09
C HIS A 234 12.48 2.50 15.31
N VAL A 235 12.80 1.43 16.01
CA VAL A 235 13.54 0.31 15.46
C VAL A 235 12.78 -0.39 14.33
N GLU A 236 13.51 -0.72 13.27
CA GLU A 236 13.02 -1.58 12.22
C GLU A 236 13.96 -2.74 12.06
N ALA A 237 13.46 -3.92 12.38
CA ALA A 237 14.23 -5.15 12.29
C ALA A 237 13.33 -6.30 11.90
N THR A 238 13.78 -7.10 10.94
CA THR A 238 12.96 -8.17 10.38
C THR A 238 13.68 -9.50 10.52
N ILE A 239 12.97 -10.53 10.92
CA ILE A 239 13.55 -11.87 11.02
C ILE A 239 13.69 -12.53 9.65
N LEU A 240 14.91 -13.00 9.35
CA LEU A 240 15.19 -13.74 8.12
C LEU A 240 15.44 -15.23 8.35
N GLU A 241 16.07 -15.58 9.47
CA GLU A 241 16.31 -17.00 9.71
C GLU A 241 16.03 -17.35 11.16
N VAL A 242 15.60 -18.58 11.40
CA VAL A 242 15.48 -19.11 12.76
C VAL A 242 16.37 -20.34 12.77
N LYS A 243 17.49 -20.24 13.48
CA LYS A 243 18.51 -21.27 13.35
C LYS A 243 19.08 -21.67 14.70
N VAL A 244 19.16 -22.98 14.96
CA VAL A 244 19.83 -23.46 16.16
C VAL A 244 21.35 -23.29 16.03
N VAL A 245 21.98 -22.75 17.06
CA VAL A 245 23.44 -22.65 17.14
C VAL A 245 23.86 -23.25 18.48
N GLU A 246 24.65 -24.32 18.43
CA GLU A 246 25.07 -25.01 19.65
C GLU A 246 25.79 -24.05 20.60
N GLY A 247 25.27 -23.94 21.82
CA GLY A 247 25.77 -22.97 22.78
C GLY A 247 24.81 -21.81 22.98
N PHE A 248 23.91 -21.62 22.02
CA PHE A 248 22.93 -20.54 22.08
C PHE A 248 21.49 -21.05 21.94
N GLY A 249 21.33 -22.30 21.54
CA GLY A 249 19.99 -22.81 21.31
C GLY A 249 19.47 -22.23 20.03
N THR A 250 18.17 -21.95 20.01
CA THR A 250 17.56 -21.34 18.83
C THR A 250 17.84 -19.82 18.81
N THR A 251 18.52 -19.38 17.76
CA THR A 251 18.85 -17.99 17.53
C THR A 251 18.02 -17.48 16.37
N ILE A 252 18.00 -16.16 16.18
CA ILE A 252 17.37 -15.60 14.97
C ILE A 252 18.33 -14.69 14.20
N ASP A 253 18.31 -14.77 12.87
CA ASP A 253 19.09 -13.87 12.04
C ASP A 253 18.18 -12.76 11.53
N VAL A 254 18.54 -11.53 11.86
N VAL A 254 18.62 -11.53 11.79
CA VAL A 254 17.72 -10.37 11.51
CA VAL A 254 17.81 -10.31 11.64
C VAL A 254 18.51 -9.33 10.72
C VAL A 254 18.52 -9.26 10.78
N ILE A 255 17.76 -8.53 9.98
CA ILE A 255 18.28 -7.36 9.29
C ILE A 255 17.80 -6.13 10.07
N LEU A 256 18.73 -5.44 10.72
CA LEU A 256 18.38 -4.21 11.41
C LEU A 256 18.53 -3.04 10.47
N SER A 257 17.40 -2.56 9.95
CA SER A 257 17.39 -1.49 8.96
C SER A 257 17.22 -0.12 9.59
N ASN A 258 16.65 -0.07 10.78
CA ASN A 258 16.66 1.22 11.48
C ASN A 258 16.77 1.11 13.00
N GLY A 259 17.46 2.05 13.61
CA GLY A 259 17.53 2.10 15.06
C GLY A 259 18.62 1.29 15.74
N TYR A 260 18.43 1.06 17.03
CA TYR A 260 19.44 0.40 17.84
C TYR A 260 18.88 -0.83 18.50
N LEU A 261 19.74 -1.83 18.69
CA LEU A 261 19.43 -2.96 19.56
C LEU A 261 20.48 -3.08 20.61
N ARG A 262 20.05 -3.39 21.83
CA ARG A 262 20.94 -3.42 22.95
C ARG A 262 20.80 -4.73 23.73
N GLU A 263 21.93 -5.25 24.19
CA GLU A 263 21.93 -6.42 25.05
C GLU A 263 21.07 -6.15 26.29
N GLY A 264 20.09 -7.02 26.54
CA GLY A 264 19.20 -6.81 27.65
C GLY A 264 17.86 -6.26 27.24
N ASP A 265 17.77 -5.74 26.01
CA ASP A 265 16.50 -5.22 25.50
C ASP A 265 15.38 -6.25 25.62
N ARG A 266 14.22 -5.76 26.08
CA ARG A 266 12.98 -6.52 26.10
C ARG A 266 12.37 -6.44 24.72
N ILE A 267 12.19 -7.59 24.06
CA ILE A 267 11.67 -7.56 22.70
C ILE A 267 10.44 -8.45 22.57
N VAL A 268 9.56 -8.09 21.64
N VAL A 268 9.63 -8.10 21.57
CA VAL A 268 8.42 -8.91 21.34
CA VAL A 268 8.38 -8.77 21.27
C VAL A 268 8.47 -9.27 19.87
C VAL A 268 8.41 -9.23 19.82
N LEU A 269 8.02 -10.48 19.58
CA LEU A 269 8.12 -11.09 18.26
C LEU A 269 6.84 -11.81 17.95
N CYS A 270 6.62 -12.01 16.67
CA CYS A 270 5.53 -12.83 16.19
C CYS A 270 5.94 -14.31 16.20
N GLY A 271 5.18 -15.15 16.89
CA GLY A 271 5.42 -16.58 16.89
C GLY A 271 4.27 -17.41 16.33
N MET A 272 4.53 -18.66 15.95
CA MET A 272 3.52 -19.52 15.34
C MET A 272 2.30 -19.79 16.20
N ASN A 273 2.50 -19.72 17.50
CA ASN A 273 1.46 -20.00 18.46
C ASN A 273 1.06 -18.75 19.24
N GLY A 274 1.31 -17.56 18.69
CA GLY A 274 1.10 -16.33 19.42
C GLY A 274 2.36 -15.50 19.63
N PRO A 275 2.22 -14.33 20.27
CA PRO A 275 3.37 -13.45 20.47
C PRO A 275 4.40 -14.03 21.41
N ILE A 276 5.66 -13.71 21.17
CA ILE A 276 6.76 -14.12 22.04
C ILE A 276 7.34 -12.86 22.69
N VAL A 277 7.58 -12.89 23.98
CA VAL A 277 8.32 -11.80 24.59
C VAL A 277 9.53 -12.36 25.31
N THR A 278 10.67 -11.70 25.12
CA THR A 278 11.90 -12.20 25.69
C THR A 278 12.89 -11.07 25.88
N ASN A 279 14.10 -11.40 26.33
CA ASN A 279 15.14 -10.40 26.47
C ASN A 279 16.39 -10.82 25.70
N ILE A 280 16.97 -9.88 24.96
CA ILE A 280 18.19 -10.16 24.20
C ILE A 280 19.34 -10.60 25.10
N ARG A 281 19.86 -11.80 24.85
CA ARG A 281 20.99 -12.31 25.61
C ARG A 281 22.29 -12.02 24.90
N ALA A 282 22.28 -12.08 23.58
CA ALA A 282 23.48 -11.72 22.84
C ALA A 282 23.19 -11.14 21.47
N LEU A 283 24.04 -10.21 21.06
CA LEU A 283 24.06 -9.65 19.73
C LEU A 283 25.37 -10.07 19.06
N LEU A 284 25.26 -10.77 17.95
CA LEU A 284 26.37 -11.53 17.37
C LEU A 284 26.62 -11.22 15.92
N THR A 285 27.88 -10.97 15.58
CA THR A 285 28.30 -10.83 14.18
C THR A 285 29.46 -11.79 13.90
N PRO A 286 29.81 -12.02 12.62
CA PRO A 286 30.90 -12.96 12.39
C PRO A 286 32.28 -12.48 12.85
N GLN A 287 33.08 -13.43 13.32
CA GLN A 287 34.46 -13.17 13.67
C GLN A 287 35.36 -13.28 12.45
N PRO A 288 35.95 -12.15 12.04
CA PRO A 288 36.77 -12.12 10.83
C PRO A 288 38.13 -12.81 10.97
N LEU A 289 38.71 -12.82 12.16
CA LEU A 289 40.06 -13.37 12.35
C LEU A 289 40.03 -14.85 12.59
N ARG A 290 40.79 -15.56 11.77
CA ARG A 290 40.90 -17.01 11.82
C ARG A 290 41.27 -17.55 13.19
N GLU A 291 42.28 -16.94 13.79
CA GLU A 291 42.78 -17.35 15.10
C GLU A 291 41.72 -17.20 16.18
N LEU A 292 40.96 -16.13 16.09
CA LEU A 292 39.91 -15.88 17.07
C LEU A 292 38.69 -16.75 16.84
N ARG A 293 38.51 -17.26 15.61
CA ARG A 293 37.40 -18.16 15.33
C ARG A 293 37.60 -19.47 16.06
N LEU A 294 38.84 -19.75 16.46
CA LEU A 294 39.15 -20.90 17.29
C LEU A 294 38.52 -20.75 18.66
N LYS A 295 38.32 -19.51 19.08
CA LYS A 295 37.76 -19.24 20.38
C LYS A 295 36.25 -19.10 20.26
N SER A 296 35.81 -18.44 19.19
CA SER A 296 34.39 -18.21 18.94
C SER A 296 34.14 -17.78 17.51
N GLU A 297 33.10 -18.31 16.90
CA GLU A 297 32.74 -17.91 15.54
C GLU A 297 32.18 -16.48 15.47
N TYR A 298 31.86 -15.90 16.64
CA TYR A 298 31.18 -14.61 16.69
C TYR A 298 31.88 -13.53 17.53
N VAL A 299 31.57 -12.30 17.17
CA VAL A 299 31.83 -11.12 17.96
C VAL A 299 30.54 -10.71 18.69
N HIS A 300 30.61 -10.58 20.02
CA HIS A 300 29.48 -10.11 20.85
C HIS A 300 29.48 -8.58 20.92
N HIS A 301 28.30 -7.98 20.91
CA HIS A 301 28.17 -6.53 20.97
C HIS A 301 27.20 -6.17 22.07
N LYS A 302 27.55 -5.19 22.89
CA LYS A 302 26.59 -4.65 23.86
C LYS A 302 25.45 -3.95 23.14
N GLU A 303 25.76 -3.25 22.05
CA GLU A 303 24.73 -2.56 21.30
C GLU A 303 25.15 -2.47 19.83
N VAL A 304 24.16 -2.58 18.94
CA VAL A 304 24.38 -2.43 17.51
C VAL A 304 23.39 -1.44 16.90
N LYS A 305 23.74 -0.87 15.76
CA LYS A 305 22.84 0.04 15.07
C LYS A 305 22.71 -0.28 13.58
N ALA A 306 21.60 0.13 12.98
CA ALA A 306 21.38 -0.07 11.56
C ALA A 306 22.40 0.72 10.76
N ALA A 307 22.79 0.22 9.59
CA ALA A 307 22.19 -0.97 8.98
C ALA A 307 23.13 -2.15 9.11
N LEU A 308 22.62 -3.25 9.67
CA LEU A 308 23.43 -4.44 9.83
C LEU A 308 22.61 -5.72 9.85
N GLY A 309 23.26 -6.83 9.54
CA GLY A 309 22.65 -8.13 9.70
C GLY A 309 23.26 -8.71 10.95
N VAL A 310 22.41 -9.07 11.90
CA VAL A 310 22.90 -9.46 13.22
C VAL A 310 22.13 -10.68 13.71
N LYS A 311 22.84 -11.52 14.45
CA LYS A 311 22.25 -12.69 15.07
C LYS A 311 21.90 -12.38 16.51
N ILE A 312 20.68 -12.73 16.88
CA ILE A 312 20.20 -12.52 18.23
C ILE A 312 20.01 -13.85 18.94
N ALA A 313 20.64 -13.94 20.11
CA ALA A 313 20.38 -15.05 21.01
C ALA A 313 19.51 -14.55 22.16
N ALA A 314 18.42 -15.26 22.38
CA ALA A 314 17.51 -15.01 23.48
C ALA A 314 16.72 -16.27 23.76
N ASN A 315 16.15 -16.37 24.96
CA ASN A 315 15.29 -17.49 25.29
C ASN A 315 13.93 -17.43 24.60
N ASP A 316 13.34 -18.59 24.36
CA ASP A 316 11.99 -18.68 23.80
C ASP A 316 11.82 -18.27 22.33
N LEU A 317 12.87 -18.40 21.54
CA LEU A 317 12.83 -18.05 20.13
C LEU A 317 12.40 -19.19 19.21
N GLU A 318 12.07 -20.35 19.78
CA GLU A 318 11.87 -21.55 19.00
C GLU A 318 10.76 -21.44 17.96
N LYS A 319 9.67 -20.80 18.33
CA LYS A 319 8.49 -20.65 17.46
C LYS A 319 8.45 -19.35 16.68
N ALA A 320 9.58 -18.66 16.59
CA ALA A 320 9.64 -17.37 15.89
C ALA A 320 9.30 -17.54 14.41
N VAL A 321 8.59 -16.57 13.87
CA VAL A 321 8.14 -16.58 12.48
C VAL A 321 9.11 -15.80 11.59
N SER A 322 9.58 -16.43 10.52
CA SER A 322 10.44 -15.74 9.58
C SER A 322 9.66 -14.72 8.76
N GLY A 323 10.22 -13.52 8.66
CA GLY A 323 9.59 -12.42 7.96
C GLY A 323 8.87 -11.47 8.89
N SER A 324 8.70 -11.90 10.12
CA SER A 324 8.07 -11.05 11.14
C SER A 324 9.01 -9.93 11.59
N ARG A 325 8.49 -8.96 12.33
CA ARG A 325 9.31 -7.83 12.76
C ARG A 325 9.51 -7.82 14.27
N LEU A 326 10.49 -7.05 14.74
CA LEU A 326 10.77 -6.92 16.17
C LEU A 326 10.31 -5.60 16.77
N LEU A 327 9.69 -5.68 17.94
CA LEU A 327 9.40 -4.47 18.67
C LEU A 327 10.18 -4.48 19.97
N VAL A 328 10.78 -3.35 20.32
CA VAL A 328 11.49 -3.21 21.57
C VAL A 328 10.56 -2.56 22.57
N VAL A 329 10.48 -3.14 23.77
CA VAL A 329 9.58 -2.62 24.77
C VAL A 329 10.28 -1.58 25.63
N GLY A 330 9.83 -0.34 25.49
CA GLY A 330 10.33 0.77 26.26
C GLY A 330 9.78 0.78 27.68
N PRO A 331 10.47 1.60 28.59
CA PRO A 331 9.88 1.57 29.93
C PRO A 331 8.44 2.06 29.91
N GLU A 332 8.18 3.09 29.10
CA GLU A 332 6.85 3.64 28.92
C GLU A 332 5.83 2.70 28.27
N ASP A 333 6.28 1.90 27.30
CA ASP A 333 5.40 1.08 26.47
C ASP A 333 4.66 -0.02 27.23
N ASP A 334 3.48 -0.36 26.74
CA ASP A 334 2.71 -1.45 27.31
C ASP A 334 3.01 -2.73 26.54
N GLU A 335 3.53 -3.72 27.27
CA GLU A 335 3.98 -4.96 26.67
C GLU A 335 2.85 -5.76 26.02
N ASP A 336 1.71 -5.81 26.68
CA ASP A 336 0.57 -6.58 26.17
C ASP A 336 0.08 -6.02 24.85
N GLU A 337 0.05 -4.71 24.74
CA GLU A 337 -0.43 -4.04 23.55
C GLU A 337 0.55 -4.28 22.41
N LEU A 338 1.84 -4.17 22.70
CA LEU A 338 2.88 -4.42 21.71
C LEU A 338 2.84 -5.87 21.24
N MET A 339 2.58 -6.78 22.16
CA MET A 339 2.48 -8.19 21.82
C MET A 339 1.32 -8.41 20.85
N ASP A 340 0.22 -7.72 21.07
CA ASP A 340 -0.89 -7.74 20.13
C ASP A 340 -0.50 -7.13 18.78
N ASP A 341 0.27 -6.04 18.84
CA ASP A 341 0.67 -5.31 17.64
C ASP A 341 1.55 -6.14 16.70
N VAL A 342 2.47 -6.90 17.29
CA VAL A 342 3.45 -7.66 16.53
C VAL A 342 2.76 -8.71 15.65
N MET A 343 1.71 -9.30 16.17
CA MET A 343 0.90 -10.30 15.47
C MET A 343 0.11 -9.79 14.26
N ASP A 344 -0.14 -8.48 14.18
CA ASP A 344 -1.12 -7.96 13.23
C ASP A 344 -1.00 -8.57 11.82
N ASP A 345 0.22 -8.73 11.32
CA ASP A 345 0.44 -9.25 9.96
C ASP A 345 -0.11 -10.68 9.79
N LEU A 346 0.34 -11.57 10.67
CA LEU A 346 -0.06 -12.97 10.66
C LEU A 346 -1.56 -13.12 10.89
N THR A 347 -2.08 -12.31 11.82
CA THR A 347 -3.50 -12.33 12.14
C THR A 347 -4.34 -11.91 10.94
N GLY A 348 -3.87 -10.88 10.25
CA GLY A 348 -4.47 -10.42 9.00
C GLY A 348 -4.51 -11.51 7.97
N LEU A 349 -3.43 -12.28 7.87
CA LEU A 349 -3.46 -13.44 6.99
C LEU A 349 -4.53 -14.46 7.43
N LEU A 350 -4.64 -14.67 8.75
CA LEU A 350 -5.58 -15.66 9.29
C LEU A 350 -7.02 -15.26 9.00
N ASP A 351 -7.29 -13.96 8.99
CA ASP A 351 -8.62 -13.44 8.71
C ASP A 351 -9.05 -13.62 7.26
N SER A 352 -8.07 -13.86 6.42
CA SER A 352 -8.34 -14.03 5.00
C SER A 352 -8.93 -15.40 4.70
N VAL A 353 -8.99 -16.26 5.72
CA VAL A 353 -9.41 -17.65 5.53
C VAL A 353 -10.64 -17.99 6.39
N ASP A 354 -11.44 -18.93 5.90
CA ASP A 354 -12.62 -19.41 6.62
C ASP A 354 -12.34 -20.80 7.18
N THR A 355 -12.05 -20.88 8.47
CA THR A 355 -11.66 -22.15 9.09
C THR A 355 -12.84 -23.13 9.13
N THR A 356 -14.05 -22.61 8.92
CA THR A 356 -15.27 -23.41 8.90
C THR A 356 -15.49 -24.17 7.58
N GLY A 357 -15.18 -23.52 6.46
CA GLY A 357 -15.51 -24.06 5.15
C GLY A 357 -14.69 -25.27 4.71
N LYS A 358 -15.04 -25.83 3.54
CA LYS A 358 -14.24 -26.88 2.93
C LYS A 358 -13.02 -26.25 2.27
N GLY A 359 -11.86 -26.90 2.41
CA GLY A 359 -10.65 -26.34 1.84
C GLY A 359 -9.37 -27.08 2.14
N VAL A 360 -8.29 -26.67 1.48
CA VAL A 360 -6.98 -27.24 1.68
C VAL A 360 -6.31 -26.68 2.94
N VAL A 361 -5.27 -27.35 3.41
CA VAL A 361 -4.46 -26.82 4.48
C VAL A 361 -3.21 -26.23 3.84
N VAL A 362 -2.78 -25.06 4.28
CA VAL A 362 -1.63 -24.38 3.67
C VAL A 362 -0.51 -24.18 4.69
N GLN A 363 0.74 -24.37 4.27
CA GLN A 363 1.89 -24.12 5.15
C GLN A 363 3.05 -23.56 4.31
N ALA A 364 3.66 -22.49 4.80
CA ALA A 364 4.71 -21.79 4.07
C ALA A 364 5.87 -21.38 4.97
N SER A 365 7.02 -21.16 4.34
CA SER A 365 8.25 -20.80 5.04
C SER A 365 8.22 -19.47 5.77
N THR A 366 7.62 -18.46 5.15
CA THR A 366 7.69 -17.08 5.64
C THR A 366 6.37 -16.34 5.48
N LEU A 367 6.25 -15.20 6.15
CA LEU A 367 5.05 -14.39 6.03
C LEU A 367 4.88 -13.98 4.58
N GLY A 368 5.97 -13.59 3.93
CA GLY A 368 5.92 -13.22 2.53
C GLY A 368 5.53 -14.37 1.61
N SER A 369 6.11 -15.53 1.83
CA SER A 369 5.78 -16.72 1.03
C SER A 369 4.34 -17.16 1.25
N LEU A 370 3.90 -17.12 2.51
CA LEU A 370 2.54 -17.49 2.85
C LEU A 370 1.55 -16.54 2.17
N GLU A 371 1.88 -15.26 2.18
CA GLU A 371 1.06 -14.25 1.54
C GLU A 371 0.99 -14.44 0.02
N ALA A 372 2.13 -14.73 -0.59
CA ALA A 372 2.20 -14.92 -2.04
C ALA A 372 1.38 -16.14 -2.48
N LEU A 373 1.49 -17.20 -1.70
CA LEU A 373 0.72 -18.41 -1.95
C LEU A 373 -0.79 -18.17 -1.73
N LEU A 374 -1.16 -17.50 -0.65
CA LEU A 374 -2.58 -17.28 -0.38
C LEU A 374 -3.21 -16.42 -1.47
N ASP A 375 -2.46 -15.40 -1.92
CA ASP A 375 -2.92 -14.54 -3.01
C ASP A 375 -3.19 -15.37 -4.25
N PHE A 376 -2.26 -16.26 -4.56
CA PHE A 376 -2.42 -17.18 -5.68
C PHE A 376 -3.66 -18.06 -5.57
N LEU A 377 -3.83 -18.70 -4.41
CA LEU A 377 -4.93 -19.64 -4.19
C LEU A 377 -6.28 -18.96 -4.25
N LYS A 378 -6.31 -17.69 -3.84
CA LYS A 378 -7.51 -16.89 -3.96
C LYS A 378 -7.77 -16.55 -5.43
N ASP A 379 -6.69 -16.21 -6.14
CA ASP A 379 -6.81 -15.91 -7.57
C ASP A 379 -7.44 -17.06 -8.35
N MET A 380 -7.32 -18.28 -7.82
CA MET A 380 -7.78 -19.46 -8.52
C MET A 380 -9.04 -20.02 -7.87
N LYS A 381 -9.64 -19.24 -6.97
CA LYS A 381 -10.86 -19.62 -6.25
C LYS A 381 -10.74 -20.98 -5.58
N ILE A 382 -9.55 -21.24 -5.04
CA ILE A 382 -9.25 -22.48 -4.34
C ILE A 382 -9.40 -22.20 -2.85
N PRO A 383 -10.42 -22.82 -2.22
CA PRO A 383 -10.67 -22.53 -0.79
C PRO A 383 -9.60 -23.09 0.18
N VAL A 384 -9.28 -22.36 1.24
CA VAL A 384 -8.34 -22.89 2.24
C VAL A 384 -8.92 -22.93 3.66
N MET A 385 -9.00 -24.13 4.22
CA MET A 385 -9.45 -24.34 5.59
C MET A 385 -8.52 -23.85 6.72
N SER A 386 -7.22 -24.06 6.57
CA SER A 386 -6.26 -23.82 7.64
C SER A 386 -4.94 -23.20 7.15
N ILE A 387 -4.22 -22.53 8.05
CA ILE A 387 -3.02 -21.82 7.65
C ILE A 387 -1.89 -22.18 8.60
N GLY A 388 -0.64 -22.12 8.12
CA GLY A 388 0.50 -22.48 8.95
C GLY A 388 1.83 -22.00 8.40
N LEU A 389 2.87 -22.08 9.24
CA LEU A 389 4.22 -21.63 8.88
C LEU A 389 5.31 -22.63 9.31
N GLY A 390 6.39 -22.71 8.55
CA GLY A 390 7.53 -23.51 8.99
C GLY A 390 7.44 -25.00 8.71
N PRO A 391 8.34 -25.80 9.30
CA PRO A 391 8.42 -27.26 9.09
C PRO A 391 7.09 -27.97 9.35
N VAL A 392 6.75 -28.99 8.56
CA VAL A 392 5.47 -29.72 8.72
C VAL A 392 5.56 -30.91 9.69
N TYR A 393 4.66 -30.96 10.66
CA TYR A 393 4.64 -32.05 11.62
C TYR A 393 3.36 -32.83 11.50
N LYS A 394 3.30 -33.96 12.19
CA LYS A 394 2.13 -34.83 12.10
C LYS A 394 0.89 -34.09 12.57
N ARG A 395 1.06 -33.25 13.58
CA ARG A 395 -0.07 -32.50 14.11
C ARG A 395 -0.60 -31.52 13.07
N ASP A 396 0.27 -31.08 12.16
CA ASP A 396 -0.12 -30.17 11.10
C ASP A 396 -0.93 -30.89 10.02
N VAL A 397 -0.44 -32.07 9.65
CA VAL A 397 -1.14 -32.92 8.69
C VAL A 397 -2.54 -33.26 9.22
N MET A 398 -2.60 -33.55 10.52
CA MET A 398 -3.86 -33.94 11.17
C MET A 398 -4.97 -32.91 10.92
N LYS A 399 -4.59 -31.65 10.67
CA LYS A 399 -5.58 -30.62 10.40
C LYS A 399 -6.39 -30.95 9.15
N ALA A 400 -5.77 -31.62 8.18
CA ALA A 400 -6.44 -31.89 6.92
C ALA A 400 -7.34 -33.11 6.96
N SER A 401 -7.17 -33.92 8.00
CA SER A 401 -7.89 -35.18 8.19
C SER A 401 -9.39 -34.98 8.29
N THR A 402 -9.79 -33.89 8.92
CA THR A 402 -11.19 -33.56 9.10
C THR A 402 -11.82 -33.45 7.72
N MET A 403 -11.02 -32.98 6.78
CA MET A 403 -11.45 -32.77 5.41
C MET A 403 -11.91 -34.06 4.69
N LEU A 404 -11.32 -35.19 5.08
CA LEU A 404 -11.44 -36.40 4.27
C LEU A 404 -12.86 -36.88 4.08
N GLU A 405 -13.65 -36.92 5.14
CA GLU A 405 -15.05 -37.28 5.00
C GLU A 405 -15.87 -36.24 4.25
N LYS A 406 -15.68 -34.96 4.62
CA LYS A 406 -16.45 -33.89 3.99
C LYS A 406 -16.10 -33.72 2.52
N ALA A 407 -14.81 -33.70 2.22
CA ALA A 407 -14.35 -33.69 0.84
C ALA A 407 -13.09 -34.54 0.70
N PRO A 408 -13.15 -35.55 -0.27
CA PRO A 408 -11.85 -36.21 -0.49
C PRO A 408 -10.84 -35.25 -1.10
N GLU A 409 -11.32 -34.40 -2.00
CA GLU A 409 -10.47 -33.55 -2.82
C GLU A 409 -9.62 -32.55 -2.03
N TYR A 410 -10.20 -31.99 -0.97
CA TYR A 410 -9.52 -30.96 -0.21
C TYR A 410 -8.70 -31.45 0.98
N ALA A 411 -8.65 -32.77 1.17
CA ALA A 411 -7.85 -33.33 2.24
C ALA A 411 -6.40 -33.36 1.78
N VAL A 412 -5.87 -32.18 1.47
CA VAL A 412 -4.50 -32.06 0.99
C VAL A 412 -3.79 -30.93 1.72
N MET A 413 -2.47 -31.01 1.77
CA MET A 413 -1.66 -29.89 2.23
C MET A 413 -0.91 -29.28 1.04
N LEU A 414 -1.01 -27.96 0.93
CA LEU A 414 -0.20 -27.20 0.01
C LEU A 414 0.94 -26.54 0.78
N CYS A 415 2.17 -26.98 0.50
CA CYS A 415 3.35 -26.56 1.24
C CYS A 415 4.37 -25.83 0.35
N PHE A 416 4.89 -24.69 0.82
CA PHE A 416 5.88 -23.93 0.05
C PHE A 416 7.19 -23.77 0.81
N ASP A 417 8.25 -24.38 0.26
CA ASP A 417 9.62 -24.26 0.77
C ASP A 417 9.71 -24.56 2.27
N VAL A 418 9.06 -25.64 2.69
CA VAL A 418 9.17 -26.10 4.07
C VAL A 418 9.54 -27.58 4.09
N LYS A 419 9.92 -28.08 5.26
CA LYS A 419 10.31 -29.48 5.41
C LYS A 419 9.15 -30.26 5.97
N VAL A 420 8.99 -31.50 5.53
CA VAL A 420 7.96 -32.37 6.06
C VAL A 420 8.62 -33.47 6.94
N ASP A 421 8.13 -33.62 8.17
CA ASP A 421 8.66 -34.61 9.09
C ASP A 421 8.31 -35.99 8.55
N LYS A 422 9.23 -36.94 8.68
CA LYS A 422 9.00 -38.31 8.19
C LYS A 422 7.72 -38.90 8.78
N GLU A 423 7.53 -38.65 10.06
CA GLU A 423 6.33 -39.09 10.76
C GLU A 423 5.11 -38.50 10.08
N ALA A 424 5.19 -37.23 9.71
CA ALA A 424 4.08 -36.59 9.02
C ALA A 424 3.81 -37.26 7.68
N GLU A 425 4.86 -37.59 6.94
CA GLU A 425 4.70 -38.22 5.65
C GLU A 425 4.06 -39.61 5.76
N GLN A 426 4.51 -40.40 6.72
CA GLN A 426 3.95 -41.73 6.94
C GLN A 426 2.49 -41.62 7.35
N TYR A 427 2.21 -40.65 8.21
CA TYR A 427 0.86 -40.41 8.68
C TYR A 427 -0.03 -40.05 7.49
N ALA A 428 0.47 -39.18 6.62
CA ALA A 428 -0.32 -38.74 5.47
C ALA A 428 -0.61 -39.87 4.50
N GLU A 429 0.41 -40.67 4.23
CA GLU A 429 0.27 -41.82 3.35
C GLU A 429 -0.74 -42.82 3.87
N GLN A 430 -0.63 -43.14 5.16
CA GLN A 430 -1.54 -44.08 5.79
C GLN A 430 -2.96 -43.50 5.89
N GLU A 431 -3.09 -42.17 5.88
CA GLU A 431 -4.42 -41.53 5.99
C GLU A 431 -5.01 -41.13 4.64
N GLY A 432 -4.22 -41.22 3.59
CA GLY A 432 -4.71 -40.84 2.28
C GLY A 432 -4.79 -39.33 2.17
N ILE A 433 -3.94 -38.64 2.91
CA ILE A 433 -3.82 -37.19 2.79
C ILE A 433 -2.65 -36.86 1.88
N LYS A 434 -2.92 -36.11 0.81
CA LYS A 434 -1.88 -35.74 -0.16
C LYS A 434 -1.03 -34.59 0.38
N ILE A 435 0.28 -34.67 0.20
CA ILE A 435 1.15 -33.56 0.60
C ILE A 435 1.88 -33.06 -0.64
N PHE A 436 1.54 -31.86 -1.09
CA PHE A 436 2.25 -31.24 -2.19
C PHE A 436 3.22 -30.19 -1.62
N ASN A 437 4.50 -30.28 -2.00
CA ASN A 437 5.55 -29.39 -1.48
C ASN A 437 6.46 -28.96 -2.64
N ALA A 438 6.65 -27.66 -2.80
CA ALA A 438 7.50 -27.13 -3.89
C ALA A 438 8.03 -25.77 -3.49
N ASP A 439 9.00 -25.25 -4.24
CA ASP A 439 9.56 -23.95 -3.95
C ASP A 439 9.21 -22.97 -5.05
N VAL A 440 8.30 -23.40 -5.91
CA VAL A 440 7.63 -22.52 -6.87
C VAL A 440 6.16 -22.85 -6.90
N ILE A 441 5.35 -21.80 -6.82
CA ILE A 441 3.92 -21.93 -6.64
C ILE A 441 3.20 -22.76 -7.74
N TYR A 442 3.57 -22.53 -8.99
CA TYR A 442 2.85 -23.16 -10.09
C TYR A 442 3.02 -24.68 -10.08
N HIS A 443 4.12 -25.16 -9.51
CA HIS A 443 4.31 -26.59 -9.28
C HIS A 443 3.17 -27.13 -8.41
N LEU A 444 2.92 -26.40 -7.33
CA LEU A 444 1.85 -26.74 -6.41
C LEU A 444 0.54 -26.79 -7.16
N PHE A 445 0.30 -25.75 -7.97
CA PHE A 445 -0.98 -25.69 -8.70
C PHE A 445 -1.18 -26.91 -9.61
N ASP A 446 -0.15 -27.21 -10.39
CA ASP A 446 -0.22 -28.31 -11.34
C ASP A 446 -0.46 -29.63 -10.61
N SER A 447 0.24 -29.84 -9.50
CA SER A 447 0.05 -31.07 -8.74
C SER A 447 -1.39 -31.18 -8.23
N PHE A 448 -1.92 -30.09 -7.69
CA PHE A 448 -3.28 -30.07 -7.16
C PHE A 448 -4.34 -30.36 -8.26
N THR A 449 -4.18 -29.70 -9.41
CA THR A 449 -5.09 -29.88 -10.54
C THR A 449 -5.08 -31.32 -10.97
N ALA A 450 -3.87 -31.85 -11.12
CA ALA A 450 -3.66 -33.24 -11.48
C ALA A 450 -4.40 -34.15 -10.52
N TYR A 451 -4.23 -33.92 -9.21
CA TYR A 451 -4.93 -34.70 -8.20
C TYR A 451 -6.45 -34.66 -8.34
N GLN A 452 -7.01 -33.46 -8.49
CA GLN A 452 -8.46 -33.31 -8.64
C GLN A 452 -8.96 -34.10 -9.85
N GLU A 453 -8.26 -33.92 -10.97
CA GLU A 453 -8.58 -34.61 -12.21
C GLU A 453 -8.51 -36.13 -12.06
N LYS A 454 -7.47 -36.63 -11.41
CA LYS A 454 -7.32 -38.06 -11.08
C LYS A 454 -8.54 -38.54 -10.32
N LEU A 455 -8.94 -37.75 -9.33
CA LEU A 455 -10.15 -38.08 -8.57
C LEU A 455 -11.36 -38.11 -9.50
N LEU A 456 -11.33 -37.34 -10.59
CA LEU A 456 -12.46 -37.40 -11.51
C LEU A 456 -12.46 -38.59 -12.50
N GLU A 457 -11.28 -39.12 -12.87
CA GLU A 457 -11.23 -40.32 -13.71
C GLU A 457 -10.61 -41.50 -12.97
N LYS B 6 -9.50 4.58 27.01
CA LYS B 6 -8.88 5.26 25.86
C LYS B 6 -9.61 6.56 25.51
N ASP B 7 -8.92 7.47 24.84
CA ASP B 7 -9.54 8.67 24.27
C ASP B 7 -9.57 8.45 22.75
N LEU B 8 -10.72 7.99 22.27
CA LEU B 8 -10.84 7.63 20.86
C LEU B 8 -11.32 8.78 19.98
N ARG B 9 -10.82 8.78 18.76
CA ARG B 9 -11.20 9.73 17.73
C ARG B 9 -12.61 9.43 17.26
N SER B 10 -13.35 10.45 16.81
CA SER B 10 -14.61 10.18 16.13
C SER B 10 -14.33 9.58 14.77
N PRO B 11 -14.95 8.44 14.46
CA PRO B 11 -14.81 7.89 13.11
C PRO B 11 -15.49 8.77 12.07
N ILE B 12 -15.04 8.68 10.83
CA ILE B 12 -15.57 9.49 9.76
C ILE B 12 -16.08 8.59 8.67
N CYS B 13 -17.29 8.86 8.22
CA CYS B 13 -17.84 8.11 7.12
C CYS B 13 -18.38 9.02 6.02
N CYS B 14 -18.71 8.41 4.89
CA CYS B 14 -19.32 9.11 3.79
C CYS B 14 -20.41 8.26 3.15
N ILE B 15 -21.34 8.92 2.48
CA ILE B 15 -22.44 8.23 1.82
C ILE B 15 -22.29 8.33 0.31
N LEU B 16 -22.33 7.18 -0.37
CA LEU B 16 -22.16 7.16 -1.81
C LEU B 16 -23.45 6.93 -2.61
N GLY B 17 -23.94 7.99 -3.25
CA GLY B 17 -25.06 7.90 -4.18
C GLY B 17 -26.36 8.63 -3.89
N HIS B 18 -27.19 8.74 -4.93
CA HIS B 18 -28.58 9.19 -4.84
C HIS B 18 -28.76 10.59 -4.24
N LYS B 25 -29.78 12.92 2.16
CA LYS B 25 -31.15 12.46 2.24
C LYS B 25 -31.33 11.26 3.18
N LEU B 26 -30.35 10.36 3.19
CA LEU B 26 -30.51 9.09 3.90
C LEU B 26 -30.69 9.23 5.42
N LEU B 27 -29.93 10.14 6.02
CA LEU B 27 -29.91 10.32 7.49
C LEU B 27 -30.87 11.38 8.03
N ASP B 28 -31.56 12.06 7.12
CA ASP B 28 -32.38 13.22 7.44
C ASP B 28 -33.49 12.93 8.48
N LYS B 29 -34.00 11.70 8.52
CA LYS B 29 -35.05 11.35 9.47
C LYS B 29 -34.48 11.37 10.90
N ILE B 30 -33.19 11.05 10.99
CA ILE B 30 -32.43 11.02 12.22
C ILE B 30 -32.00 12.44 12.69
N ARG B 31 -31.91 13.39 11.76
CA ARG B 31 -31.27 14.68 12.05
C ARG B 31 -32.05 15.55 13.02
N GLN B 32 -33.25 15.15 13.40
CA GLN B 32 -33.96 15.93 14.40
C GLN B 32 -34.06 15.11 15.69
N THR B 33 -33.75 15.72 16.83
CA THR B 33 -33.82 14.98 18.09
C THR B 33 -34.39 15.84 19.22
N ASN B 34 -34.95 15.18 20.24
CA ASN B 34 -35.50 15.86 21.39
C ASN B 34 -34.46 15.85 22.52
N VAL B 35 -33.32 15.24 22.26
CA VAL B 35 -32.25 15.12 23.26
C VAL B 35 -31.58 16.47 23.53
N GLN B 36 -30.96 16.58 24.70
CA GLN B 36 -30.26 17.79 25.09
C GLN B 36 -29.15 18.14 24.11
N GLY B 41 -23.24 18.99 21.72
CA GLY B 41 -24.42 19.62 22.29
C GLY B 41 -25.67 19.30 21.48
N GLY B 42 -25.45 18.96 20.21
CA GLY B 42 -26.50 18.57 19.31
C GLY B 42 -25.91 18.21 17.95
N ILE B 43 -26.74 17.63 17.08
CA ILE B 43 -26.35 17.35 15.71
C ILE B 43 -26.04 18.69 15.04
N THR B 44 -24.89 18.78 14.38
N THR B 44 -24.85 18.84 14.46
CA THR B 44 -24.42 20.06 13.88
CA THR B 44 -24.44 20.12 13.88
C THR B 44 -24.05 20.03 12.41
C THR B 44 -24.06 20.04 12.43
N GLN B 45 -24.66 20.92 11.64
CA GLN B 45 -24.10 21.22 10.34
C GLN B 45 -22.72 21.86 10.46
N GLN B 46 -21.80 21.37 9.65
CA GLN B 46 -20.41 21.79 9.64
C GLN B 46 -20.06 22.08 8.20
N ILE B 47 -18.82 22.50 7.94
CA ILE B 47 -18.46 22.79 6.56
C ILE B 47 -18.20 21.45 5.86
N GLY B 48 -19.07 21.12 4.92
CA GLY B 48 -18.91 19.92 4.11
C GLY B 48 -19.13 18.62 4.85
N ALA B 49 -19.66 18.70 6.06
CA ALA B 49 -19.92 17.50 6.85
C ALA B 49 -20.94 17.78 7.94
N THR B 50 -21.52 16.72 8.49
CA THR B 50 -22.44 16.84 9.61
C THR B 50 -21.96 15.96 10.73
N TYR B 51 -21.96 16.52 11.92
CA TYR B 51 -21.47 15.81 13.08
C TYR B 51 -22.58 15.35 14.01
N PHE B 52 -22.50 14.09 14.38
CA PHE B 52 -23.47 13.48 15.27
C PHE B 52 -22.85 13.09 16.61
N PRO B 53 -23.14 13.85 17.68
CA PRO B 53 -22.60 13.47 19.01
C PRO B 53 -23.15 12.14 19.48
N ILE B 54 -22.35 11.39 20.23
CA ILE B 54 -22.67 10.02 20.59
C ILE B 54 -23.99 9.85 21.35
N ASP B 55 -24.41 10.87 22.10
CA ASP B 55 -25.66 10.79 22.86
C ASP B 55 -26.88 10.82 21.93
N ALA B 56 -26.76 11.58 20.87
CA ALA B 56 -27.77 11.61 19.83
C ALA B 56 -27.91 10.22 19.19
N ILE B 57 -26.76 9.59 18.96
CA ILE B 57 -26.73 8.25 18.39
C ILE B 57 -27.33 7.23 19.33
N LYS B 58 -27.06 7.33 20.63
CA LYS B 58 -27.69 6.45 21.61
C LYS B 58 -29.21 6.60 21.49
N ALA B 59 -29.64 7.85 21.49
CA ALA B 59 -31.06 8.15 21.40
C ALA B 59 -31.71 7.52 20.18
N LYS B 60 -31.00 7.54 19.05
CA LYS B 60 -31.55 6.99 17.81
C LYS B 60 -31.31 5.50 17.61
N THR B 61 -30.50 4.89 18.46
CA THR B 61 -30.25 3.45 18.36
C THR B 61 -30.82 2.67 19.55
N LYS B 62 -31.59 3.31 20.41
CA LYS B 62 -32.29 2.57 21.47
C LYS B 62 -33.00 1.28 21.01
N VAL B 63 -33.64 1.31 19.84
CA VAL B 63 -34.35 0.15 19.32
C VAL B 63 -33.41 -1.00 19.00
N MET B 64 -32.13 -0.71 18.90
CA MET B 64 -31.15 -1.76 18.59
C MET B 64 -30.87 -2.62 19.80
N ALA B 65 -31.34 -2.18 20.97
CA ALA B 65 -31.17 -2.94 22.20
C ALA B 65 -31.87 -4.30 22.12
N GLU B 66 -32.92 -4.36 21.32
CA GLU B 66 -33.65 -5.59 21.17
C GLU B 66 -32.81 -6.67 20.51
N TYR B 67 -31.82 -6.27 19.71
CA TYR B 67 -31.12 -7.24 18.88
C TYR B 67 -29.64 -7.32 19.12
N GLU B 68 -29.08 -6.29 19.73
CA GLU B 68 -27.62 -6.23 19.80
C GLU B 68 -27.10 -5.61 21.07
N LYS B 69 -25.87 -6.01 21.39
CA LYS B 69 -25.07 -5.37 22.41
C LYS B 69 -24.64 -4.02 21.85
N GLN B 70 -24.67 -3.00 22.70
CA GLN B 70 -24.32 -1.67 22.26
C GLN B 70 -23.04 -1.18 22.94
N THR B 71 -22.24 -0.47 22.17
CA THR B 71 -20.97 0.07 22.59
C THR B 71 -20.85 1.53 22.21
N PHE B 72 -20.58 2.40 23.16
CA PHE B 72 -20.47 3.83 22.89
C PHE B 72 -19.17 4.42 23.42
N ASP B 73 -18.06 4.11 22.75
CA ASP B 73 -16.75 4.53 23.21
C ASP B 73 -16.13 5.65 22.40
N VAL B 74 -16.89 6.23 21.48
CA VAL B 74 -16.40 7.34 20.66
C VAL B 74 -17.23 8.60 20.92
N PRO B 75 -16.67 9.79 20.64
CA PRO B 75 -17.38 11.04 20.95
C PRO B 75 -18.59 11.25 20.07
N GLY B 76 -18.53 10.67 18.87
CA GLY B 76 -19.59 10.81 17.91
C GLY B 76 -19.10 10.34 16.55
N LEU B 77 -19.82 10.75 15.52
CA LEU B 77 -19.51 10.34 14.16
C LEU B 77 -19.62 11.49 13.17
N LEU B 78 -18.62 11.64 12.32
CA LEU B 78 -18.66 12.67 11.32
C LEU B 78 -19.03 12.07 9.98
N VAL B 79 -20.02 12.69 9.34
CA VAL B 79 -20.47 12.24 8.05
C VAL B 79 -20.22 13.30 6.99
N ILE B 80 -19.30 13.00 6.08
CA ILE B 80 -19.00 13.89 4.98
C ILE B 80 -20.22 13.99 4.10
N ASP B 81 -20.62 15.21 3.74
CA ASP B 81 -21.95 15.43 3.18
C ASP B 81 -21.94 15.35 1.68
N THR B 82 -20.76 15.44 1.09
CA THR B 82 -20.68 15.33 -0.35
C THR B 82 -20.81 13.86 -0.75
N PRO B 83 -21.53 13.60 -1.84
CA PRO B 83 -21.79 12.25 -2.33
C PRO B 83 -20.82 11.85 -3.42
N GLY B 84 -19.95 12.78 -3.82
CA GLY B 84 -19.11 12.56 -4.99
C GLY B 84 -17.80 11.87 -4.68
N HIS B 85 -16.72 12.28 -5.32
CA HIS B 85 -15.45 11.60 -5.07
C HIS B 85 -14.63 12.35 -4.04
N GLU B 86 -15.29 13.21 -3.27
CA GLU B 86 -14.62 14.08 -2.32
C GLU B 86 -13.98 13.29 -1.20
N SER B 87 -14.57 12.17 -0.82
CA SER B 87 -14.00 11.36 0.24
C SER B 87 -12.72 10.66 -0.21
N PHE B 88 -12.43 10.73 -1.50
CA PHE B 88 -11.26 10.06 -2.07
C PHE B 88 -10.30 11.04 -2.74
N SER B 89 -10.25 12.25 -2.19
CA SER B 89 -9.46 13.35 -2.72
C SER B 89 -7.98 13.14 -2.45
N ASN B 90 -7.68 12.48 -1.33
CA ASN B 90 -6.28 12.23 -1.00
C ASN B 90 -5.80 10.92 -1.64
N LEU B 91 -4.49 10.67 -1.55
CA LEU B 91 -3.94 9.42 -2.04
C LEU B 91 -4.51 8.26 -1.25
N ARG B 92 -4.71 7.12 -1.91
CA ARG B 92 -5.37 5.98 -1.28
C ARG B 92 -4.58 5.54 -0.05
N SER B 93 -3.27 5.79 -0.09
CA SER B 93 -2.40 5.43 1.02
C SER B 93 -2.78 6.19 2.30
N ARG B 94 -3.44 7.33 2.16
CA ARG B 94 -3.91 8.07 3.34
C ARG B 94 -5.42 8.03 3.48
N GLY B 95 -6.07 7.15 2.71
CA GLY B 95 -7.52 7.11 2.67
C GLY B 95 -8.23 7.14 4.01
N SER B 96 -7.79 6.30 4.94
CA SER B 96 -8.49 6.14 6.22
C SER B 96 -8.33 7.36 7.10
N SER B 97 -7.36 8.20 6.77
CA SER B 97 -7.19 9.45 7.46
C SER B 97 -8.38 10.38 7.16
N LEU B 98 -8.91 10.25 5.94
CA LEU B 98 -10.01 11.11 5.47
C LEU B 98 -11.38 10.46 5.72
N CYS B 99 -11.46 9.16 5.48
CA CYS B 99 -12.72 8.44 5.66
C CYS B 99 -12.48 7.01 6.11
N ASN B 100 -13.03 6.64 7.25
CA ASN B 100 -12.82 5.31 7.81
C ASN B 100 -13.67 4.22 7.14
N ILE B 101 -14.88 4.57 6.74
CA ILE B 101 -15.79 3.60 6.12
C ILE B 101 -16.83 4.27 5.24
N ALA B 102 -17.17 3.64 4.11
CA ALA B 102 -18.15 4.20 3.18
C ALA B 102 -19.50 3.49 3.22
N ILE B 103 -20.54 4.24 2.88
CA ILE B 103 -21.87 3.67 2.78
C ILE B 103 -22.33 3.75 1.34
N LEU B 104 -22.42 2.59 0.71
CA LEU B 104 -22.85 2.53 -0.67
C LEU B 104 -24.35 2.35 -0.74
N VAL B 105 -25.05 3.38 -1.19
CA VAL B 105 -26.49 3.32 -1.23
C VAL B 105 -26.97 2.65 -2.51
N ILE B 106 -27.85 1.67 -2.34
CA ILE B 106 -28.41 0.90 -3.45
C ILE B 106 -29.93 0.89 -3.37
N ASP B 107 -30.58 1.27 -4.46
CA ASP B 107 -32.03 1.27 -4.53
C ASP B 107 -32.57 -0.16 -4.68
N ILE B 108 -33.33 -0.63 -3.70
CA ILE B 108 -33.84 -2.02 -3.73
C ILE B 108 -34.87 -2.22 -4.83
N MET B 109 -35.46 -1.12 -5.28
CA MET B 109 -36.55 -1.24 -6.22
C MET B 109 -36.01 -1.40 -7.62
N HIS B 110 -35.11 -0.51 -8.04
CA HIS B 110 -34.58 -0.63 -9.39
C HIS B 110 -33.12 -1.05 -9.50
N GLY B 111 -32.59 -1.68 -8.45
CA GLY B 111 -31.29 -2.31 -8.50
C GLY B 111 -30.08 -1.41 -8.75
N LEU B 112 -29.00 -2.00 -9.27
CA LEU B 112 -27.79 -1.25 -9.58
C LEU B 112 -27.97 -0.20 -10.69
N GLU B 113 -27.61 1.05 -10.41
CA GLU B 113 -27.49 2.08 -11.45
C GLU B 113 -26.05 2.02 -11.98
N GLN B 114 -25.72 2.84 -12.98
CA GLN B 114 -24.36 2.84 -13.50
C GLN B 114 -23.43 3.47 -12.47
N GLN B 115 -23.94 4.56 -11.89
CA GLN B 115 -23.26 5.32 -10.85
C GLN B 115 -22.73 4.41 -9.75
N THR B 116 -23.58 3.47 -9.37
CA THR B 116 -23.28 2.51 -8.32
C THR B 116 -22.16 1.57 -8.71
N ILE B 117 -22.21 1.08 -9.95
CA ILE B 117 -21.19 0.16 -10.44
C ILE B 117 -19.83 0.86 -10.45
N GLU B 118 -19.81 2.08 -10.96
CA GLU B 118 -18.58 2.85 -11.00
C GLU B 118 -18.09 3.10 -9.58
N SER B 119 -19.01 3.37 -8.67
CA SER B 119 -18.66 3.60 -7.27
C SER B 119 -18.02 2.35 -6.69
N ILE B 120 -18.56 1.19 -7.06
CA ILE B 120 -18.03 -0.08 -6.59
C ILE B 120 -16.59 -0.28 -7.07
N LYS B 121 -16.33 0.08 -8.32
CA LYS B 121 -15.00 -0.03 -8.87
C LYS B 121 -14.03 0.89 -8.13
N LEU B 122 -14.50 2.11 -7.83
CA LEU B 122 -13.68 3.08 -7.15
C LEU B 122 -13.32 2.59 -5.75
N LEU B 123 -14.29 2.00 -5.07
CA LEU B 123 -14.07 1.50 -3.72
C LEU B 123 -13.04 0.38 -3.71
N ARG B 124 -13.13 -0.52 -4.69
CA ARG B 124 -12.19 -1.62 -4.78
C ARG B 124 -10.77 -1.12 -5.02
N ASP B 125 -10.64 -0.14 -5.91
CA ASP B 125 -9.33 0.44 -6.22
C ASP B 125 -8.73 1.16 -5.02
N ARG B 126 -9.58 1.90 -4.32
CA ARG B 126 -9.18 2.60 -3.09
C ARG B 126 -8.88 1.61 -1.98
N LYS B 127 -9.44 0.41 -2.10
CA LYS B 127 -9.34 -0.59 -1.05
C LYS B 127 -10.00 -0.06 0.22
N ALA B 128 -11.08 0.66 0.03
CA ALA B 128 -11.80 1.27 1.15
C ALA B 128 -12.91 0.35 1.67
N PRO B 129 -12.98 0.20 3.00
CA PRO B 129 -14.08 -0.58 3.56
C PRO B 129 -15.42 0.13 3.40
N PHE B 130 -16.47 -0.64 3.18
CA PHE B 130 -17.79 -0.08 3.03
C PHE B 130 -18.88 -1.08 3.36
N VAL B 131 -20.06 -0.54 3.63
CA VAL B 131 -21.24 -1.36 3.81
C VAL B 131 -22.23 -0.89 2.77
N VAL B 132 -23.29 -1.66 2.62
CA VAL B 132 -24.33 -1.34 1.66
C VAL B 132 -25.56 -0.89 2.42
N ALA B 133 -26.12 0.24 2.00
CA ALA B 133 -27.44 0.62 2.48
C ALA B 133 -28.42 0.30 1.39
N LEU B 134 -29.20 -0.77 1.59
CA LEU B 134 -30.21 -1.17 0.62
C LEU B 134 -31.49 -0.41 0.90
N ASN B 135 -31.59 0.75 0.26
CA ASN B 135 -32.60 1.76 0.52
C ASN B 135 -33.97 1.56 -0.13
N LYS B 136 -34.92 2.41 0.29
CA LYS B 136 -36.28 2.43 -0.23
C LYS B 136 -37.16 1.18 -0.01
N ILE B 137 -36.98 0.53 1.13
CA ILE B 137 -37.82 -0.60 1.49
C ILE B 137 -39.28 -0.16 1.61
N ASP B 138 -39.49 1.12 1.89
CA ASP B 138 -40.84 1.64 2.05
C ASP B 138 -41.67 1.53 0.77
N ARG B 139 -41.00 1.27 -0.35
CA ARG B 139 -41.70 1.15 -1.63
C ARG B 139 -42.18 -0.27 -1.88
N LEU B 140 -41.79 -1.20 -1.02
CA LEU B 140 -42.35 -2.55 -1.09
C LEU B 140 -43.85 -2.44 -0.84
N TYR B 141 -44.63 -3.17 -1.63
CA TYR B 141 -46.08 -3.01 -1.64
C TYR B 141 -46.73 -3.40 -0.31
N ASP B 142 -47.57 -2.52 0.21
CA ASP B 142 -48.21 -2.72 1.51
C ASP B 142 -47.22 -2.75 2.66
N TRP B 143 -46.11 -2.03 2.49
CA TRP B 143 -45.20 -1.86 3.60
C TRP B 143 -45.92 -1.09 4.70
N LYS B 144 -45.93 -1.65 5.92
CA LYS B 144 -46.52 -0.96 7.04
C LYS B 144 -45.39 -0.42 7.87
N ALA B 145 -45.25 0.89 7.87
CA ALA B 145 -44.06 1.51 8.44
C ALA B 145 -44.18 1.83 9.92
N ILE B 146 -43.08 1.64 10.63
CA ILE B 146 -42.91 2.14 11.98
C ILE B 146 -41.72 3.09 11.99
N PRO B 147 -41.99 4.40 12.09
CA PRO B 147 -40.94 5.42 12.01
C PRO B 147 -39.71 5.15 12.88
N ASN B 148 -38.53 5.23 12.28
CA ASN B 148 -37.26 5.11 12.99
C ASN B 148 -37.07 3.80 13.72
N ASN B 149 -37.74 2.77 13.25
CA ASN B 149 -37.62 1.46 13.89
C ASN B 149 -36.40 0.73 13.39
N SER B 150 -35.98 -0.29 14.12
CA SER B 150 -34.91 -1.15 13.62
C SER B 150 -35.52 -2.00 12.51
N PHE B 151 -34.69 -2.51 11.61
CA PHE B 151 -35.21 -3.31 10.52
C PHE B 151 -35.91 -4.61 10.94
N ARG B 152 -35.25 -5.44 11.74
CA ARG B 152 -35.78 -6.78 12.03
C ARG B 152 -37.15 -6.74 12.69
N ASP B 153 -37.35 -5.74 13.54
CA ASP B 153 -38.62 -5.58 14.22
C ASP B 153 -39.74 -5.18 13.25
N SER B 154 -39.46 -4.22 12.38
CA SER B 154 -40.44 -3.80 11.38
C SER B 154 -40.74 -4.92 10.42
N PHE B 155 -39.73 -5.69 10.09
CA PHE B 155 -39.83 -6.75 9.11
C PHE B 155 -40.65 -7.90 9.62
N ALA B 156 -40.39 -8.29 10.87
CA ALA B 156 -41.15 -9.35 11.50
C ALA B 156 -42.63 -8.99 11.53
N LYS B 157 -42.91 -7.70 11.55
CA LYS B 157 -44.28 -7.19 11.64
C LYS B 157 -44.95 -6.95 10.29
N GLN B 158 -44.28 -7.29 9.18
CA GLN B 158 -44.93 -7.13 7.89
C GLN B 158 -45.63 -8.41 7.54
N SER B 159 -46.54 -8.33 6.59
CA SER B 159 -47.23 -9.51 6.08
C SER B 159 -46.24 -10.43 5.38
N ARG B 160 -46.61 -11.70 5.20
CA ARG B 160 -45.74 -12.61 4.48
C ARG B 160 -45.56 -12.13 3.06
N ALA B 161 -46.58 -11.48 2.54
CA ALA B 161 -46.49 -10.90 1.20
C ALA B 161 -45.32 -9.93 1.11
N VAL B 162 -45.31 -8.96 2.01
CA VAL B 162 -44.27 -7.96 2.03
C VAL B 162 -42.89 -8.61 2.16
N GLN B 163 -42.78 -9.58 3.08
CA GLN B 163 -41.53 -10.31 3.34
C GLN B 163 -41.03 -11.02 2.09
N GLU B 164 -41.98 -11.48 1.28
CA GLU B 164 -41.65 -12.17 0.04
C GLU B 164 -41.17 -11.21 -1.04
N GLU B 165 -41.83 -10.06 -1.18
CA GLU B 165 -41.34 -9.07 -2.16
C GLU B 165 -39.92 -8.66 -1.81
N PHE B 166 -39.72 -8.43 -0.52
CA PHE B 166 -38.40 -8.10 -0.06
C PHE B 166 -37.42 -9.19 -0.45
N GLN B 167 -37.75 -10.42 -0.13
CA GLN B 167 -36.80 -11.49 -0.39
C GLN B 167 -36.46 -11.58 -1.87
N SER B 168 -37.46 -11.46 -2.73
CA SER B 168 -37.22 -11.51 -4.17
C SER B 168 -36.24 -10.43 -4.63
N ARG B 169 -36.59 -9.19 -4.31
CA ARG B 169 -35.79 -8.06 -4.78
C ARG B 169 -34.35 -8.13 -4.22
N TYR B 170 -34.25 -8.52 -2.95
CA TYR B 170 -32.97 -8.71 -2.28
C TYR B 170 -32.10 -9.73 -3.00
N SER B 171 -32.69 -10.85 -3.36
CA SER B 171 -31.94 -11.87 -4.07
C SER B 171 -31.44 -11.37 -5.43
N LYS B 172 -32.31 -10.66 -6.14
CA LYS B 172 -31.89 -10.04 -7.40
C LYS B 172 -30.69 -9.12 -7.21
N ILE B 173 -30.75 -8.33 -6.15
CA ILE B 173 -29.65 -7.42 -5.83
C ILE B 173 -28.36 -8.19 -5.52
N GLN B 174 -28.44 -9.28 -4.74
CA GLN B 174 -27.24 -10.10 -4.48
C GLN B 174 -26.64 -10.67 -5.75
N LEU B 175 -27.49 -11.03 -6.70
CA LEU B 175 -26.97 -11.44 -7.99
C LEU B 175 -26.26 -10.30 -8.68
N GLU B 176 -26.93 -9.15 -8.78
CA GLU B 176 -26.34 -7.99 -9.43
C GLU B 176 -24.99 -7.64 -8.82
N LEU B 177 -24.85 -7.88 -7.51
CA LEU B 177 -23.59 -7.70 -6.81
C LEU B 177 -22.56 -8.76 -7.11
N ALA B 178 -22.96 -10.02 -7.11
CA ALA B 178 -21.99 -11.09 -7.39
C ALA B 178 -21.41 -10.88 -8.78
N GLU B 179 -22.23 -10.31 -9.66
CA GLU B 179 -21.83 -9.95 -11.02
C GLU B 179 -20.82 -8.80 -11.07
N GLN B 180 -20.77 -7.98 -10.02
CA GLN B 180 -19.75 -6.95 -9.93
C GLN B 180 -18.60 -7.44 -9.03
N GLY B 181 -18.63 -8.73 -8.69
CA GLY B 181 -17.54 -9.34 -7.96
C GLY B 181 -17.64 -9.26 -6.44
N LEU B 182 -18.80 -8.86 -5.95
CA LEU B 182 -19.01 -8.78 -4.51
C LEU B 182 -19.92 -9.87 -3.97
N ASN B 183 -19.46 -10.51 -2.92
CA ASN B 183 -20.33 -11.37 -2.15
C ASN B 183 -20.96 -10.52 -1.08
N SER B 184 -22.19 -10.82 -0.71
CA SER B 184 -22.89 -9.96 0.24
C SER B 184 -23.85 -10.72 1.13
N GLU B 185 -24.10 -10.17 2.32
CA GLU B 185 -24.95 -10.78 3.32
C GLU B 185 -25.57 -9.66 4.13
N LEU B 186 -26.77 -9.91 4.67
CA LEU B 186 -27.35 -8.97 5.62
C LEU B 186 -26.41 -8.88 6.82
N TYR B 187 -26.29 -7.69 7.42
CA TYR B 187 -25.20 -7.44 8.36
C TYR B 187 -25.22 -8.38 9.56
N PHE B 188 -26.41 -8.77 10.00
CA PHE B 188 -26.54 -9.62 11.16
C PHE B 188 -26.36 -11.11 10.81
N GLN B 189 -26.16 -11.37 9.52
CA GLN B 189 -25.86 -12.70 9.01
C GLN B 189 -24.48 -12.84 8.37
N ASN B 190 -23.62 -11.85 8.56
CA ASN B 190 -22.31 -11.85 7.92
C ASN B 190 -21.30 -12.51 8.86
N LYS B 191 -20.68 -13.60 8.42
CA LYS B 191 -19.75 -14.31 9.30
C LYS B 191 -18.30 -14.08 8.89
N ASN B 192 -18.08 -13.53 7.70
CA ASN B 192 -16.73 -13.25 7.21
C ASN B 192 -16.66 -11.89 6.50
N MET B 193 -16.52 -10.82 7.27
CA MET B 193 -16.55 -9.46 6.74
C MET B 193 -15.46 -9.26 5.69
N SER B 194 -14.47 -10.13 5.75
CA SER B 194 -13.40 -10.18 4.77
C SER B 194 -13.92 -10.64 3.41
N LYS B 195 -14.97 -11.45 3.40
CA LYS B 195 -15.55 -11.99 2.17
C LYS B 195 -16.86 -11.31 1.72
N TYR B 196 -17.75 -11.05 2.67
CA TYR B 196 -19.06 -10.52 2.34
C TYR B 196 -19.20 -9.07 2.74
N VAL B 197 -19.77 -8.26 1.86
CA VAL B 197 -20.14 -6.92 2.23
C VAL B 197 -21.41 -7.00 3.05
N SER B 198 -21.47 -6.25 4.14
CA SER B 198 -22.68 -6.25 4.95
C SER B 198 -23.73 -5.33 4.37
N ILE B 199 -24.97 -5.84 4.36
CA ILE B 199 -26.11 -5.12 3.83
C ILE B 199 -27.04 -4.72 4.95
N VAL B 200 -27.39 -3.46 4.97
CA VAL B 200 -28.38 -2.92 5.88
C VAL B 200 -29.53 -2.33 5.10
N PRO B 201 -30.71 -2.98 5.16
CA PRO B 201 -31.92 -2.43 4.52
C PRO B 201 -32.39 -1.17 5.23
N THR B 202 -32.69 -0.13 4.47
CA THR B 202 -33.08 1.14 5.06
C THR B 202 -34.29 1.76 4.36
N SER B 203 -34.86 2.76 5.01
CA SER B 203 -35.81 3.65 4.38
C SER B 203 -35.43 5.03 4.84
N ALA B 204 -34.96 5.87 3.92
CA ALA B 204 -34.61 7.24 4.25
C ALA B 204 -35.84 8.02 4.63
N VAL B 205 -36.96 7.59 4.05
CA VAL B 205 -38.24 8.22 4.28
C VAL B 205 -38.76 7.97 5.68
N THR B 206 -38.87 6.72 6.08
CA THR B 206 -39.47 6.38 7.38
C THR B 206 -38.47 6.35 8.51
N GLY B 207 -37.20 6.16 8.17
CA GLY B 207 -36.15 6.07 9.16
C GLY B 207 -35.86 4.65 9.59
N GLU B 208 -36.70 3.71 9.15
CA GLU B 208 -36.50 2.31 9.46
C GLU B 208 -35.19 1.81 8.95
N GLY B 209 -34.49 1.06 9.79
CA GLY B 209 -33.21 0.51 9.42
C GLY B 209 -32.05 1.46 9.61
N VAL B 210 -32.34 2.74 9.76
CA VAL B 210 -31.28 3.70 10.06
C VAL B 210 -30.64 3.42 11.43
N PRO B 211 -31.47 3.05 12.44
CA PRO B 211 -30.81 2.60 13.68
C PRO B 211 -29.79 1.48 13.46
N ASP B 212 -30.17 0.49 12.66
CA ASP B 212 -29.27 -0.61 12.32
C ASP B 212 -27.95 -0.14 11.71
N LEU B 213 -28.04 0.81 10.78
CA LEU B 213 -26.88 1.33 10.07
C LEU B 213 -25.94 2.07 11.01
N LEU B 214 -26.51 2.90 11.87
CA LEU B 214 -25.68 3.60 12.84
C LEU B 214 -24.98 2.62 13.78
N TRP B 215 -25.75 1.65 14.28
CA TRP B 215 -25.19 0.63 15.15
C TRP B 215 -24.05 -0.09 14.42
N LEU B 216 -24.25 -0.39 13.14
CA LEU B 216 -23.27 -1.13 12.38
C LEU B 216 -22.01 -0.34 12.17
N LEU B 217 -22.15 0.94 11.88
CA LEU B 217 -20.98 1.78 11.66
C LEU B 217 -20.18 1.89 12.94
N LEU B 218 -20.87 2.14 14.06
CA LEU B 218 -20.20 2.12 15.37
C LEU B 218 -19.48 0.79 15.65
N GLU B 219 -20.14 -0.32 15.32
CA GLU B 219 -19.57 -1.62 15.60
C GLU B 219 -18.32 -1.85 14.76
N LEU B 220 -18.40 -1.61 13.45
CA LEU B 220 -17.25 -1.85 12.59
C LEU B 220 -16.08 -0.95 12.92
N THR B 221 -16.34 0.33 13.19
CA THR B 221 -15.21 1.23 13.47
C THR B 221 -14.59 0.97 14.85
N GLN B 222 -15.42 0.83 15.87
CA GLN B 222 -14.89 0.62 17.22
C GLN B 222 -14.23 -0.75 17.37
N LYS B 223 -14.79 -1.77 16.73
CA LYS B 223 -14.25 -3.10 16.91
C LYS B 223 -13.16 -3.44 15.92
N ARG B 224 -13.34 -3.10 14.64
CA ARG B 224 -12.39 -3.56 13.62
C ARG B 224 -11.44 -2.47 13.14
N MET B 225 -11.60 -1.24 13.65
CA MET B 225 -10.75 -0.13 13.24
C MET B 225 -10.21 0.62 14.45
N SER B 226 -10.13 -0.06 15.60
CA SER B 226 -9.72 0.57 16.85
C SER B 226 -8.37 1.27 16.73
N LYS B 227 -7.46 0.65 15.98
CA LYS B 227 -6.13 1.21 15.75
C LYS B 227 -6.20 2.54 14.97
N GLN B 228 -7.14 2.65 14.04
CA GLN B 228 -7.34 3.89 13.29
C GLN B 228 -7.85 5.02 14.17
N LEU B 229 -8.52 4.66 15.26
CA LEU B 229 -9.13 5.65 16.15
C LEU B 229 -8.30 5.94 17.40
N MET B 230 -7.15 5.27 17.51
CA MET B 230 -6.29 5.45 18.67
C MET B 230 -5.76 6.88 18.70
N TYR B 231 -5.54 7.41 19.90
CA TYR B 231 -5.12 8.79 20.04
C TYR B 231 -3.78 9.00 19.33
N LEU B 232 -3.71 10.11 18.59
CA LEU B 232 -2.46 10.52 17.95
C LEU B 232 -2.18 11.98 18.27
N SER B 233 -0.94 12.31 18.61
CA SER B 233 -0.54 13.72 18.75
C SER B 233 -0.61 14.50 17.43
N HIS B 234 -0.20 14.07 16.25
N HIS B 234 -0.24 14.05 16.22
CA HIS B 234 -0.09 14.96 15.09
CA HIS B 234 -0.11 14.91 15.04
C HIS B 234 -1.47 15.37 14.59
C HIS B 234 -1.49 15.35 14.58
N VAL B 235 -1.57 16.59 14.08
CA VAL B 235 -2.75 17.01 13.34
C VAL B 235 -2.93 16.17 12.06
N GLU B 236 -4.16 15.71 11.81
CA GLU B 236 -4.55 15.12 10.52
C GLU B 236 -5.72 15.89 9.94
N ALA B 237 -5.45 16.57 8.82
CA ALA B 237 -6.42 17.42 8.14
C ALA B 237 -6.19 17.35 6.65
N THR B 238 -7.26 17.23 5.88
CA THR B 238 -7.18 17.08 4.43
C THR B 238 -8.01 18.13 3.75
N ILE B 239 -7.44 18.76 2.73
CA ILE B 239 -8.16 19.77 1.97
C ILE B 239 -9.16 19.12 1.03
N LEU B 240 -10.42 19.51 1.16
CA LEU B 240 -11.43 19.01 0.25
C LEU B 240 -11.83 20.05 -0.77
N GLU B 241 -11.87 21.33 -0.39
CA GLU B 241 -12.23 22.35 -1.38
C GLU B 241 -11.42 23.65 -1.25
N VAL B 242 -11.26 24.37 -2.36
CA VAL B 242 -10.62 25.68 -2.38
C VAL B 242 -11.62 26.72 -2.91
N LYS B 243 -12.07 27.64 -2.05
CA LYS B 243 -13.19 28.50 -2.40
C LYS B 243 -13.03 29.96 -2.00
N VAL B 244 -13.31 30.87 -2.92
CA VAL B 244 -13.28 32.28 -2.61
C VAL B 244 -14.50 32.65 -1.78
N VAL B 245 -14.25 33.34 -0.67
CA VAL B 245 -15.35 33.91 0.12
C VAL B 245 -15.02 35.36 0.38
N GLU B 246 -15.85 36.26 -0.14
CA GLU B 246 -15.61 37.68 0.04
C GLU B 246 -15.60 38.03 1.52
N GLY B 247 -14.54 38.71 1.94
CA GLY B 247 -14.30 39.00 3.34
C GLY B 247 -13.14 38.18 3.84
N PHE B 248 -12.83 37.10 3.12
CA PHE B 248 -11.76 36.21 3.52
C PHE B 248 -10.75 35.90 2.41
N GLY B 249 -11.12 36.20 1.16
CA GLY B 249 -10.32 35.82 0.01
C GLY B 249 -10.45 34.35 -0.35
N THR B 250 -9.37 33.74 -0.83
CA THR B 250 -9.42 32.31 -1.10
C THR B 250 -9.24 31.54 0.21
N THR B 251 -10.26 30.75 0.57
CA THR B 251 -10.27 29.95 1.79
C THR B 251 -10.16 28.49 1.41
N ILE B 252 -9.88 27.62 2.39
CA ILE B 252 -9.92 26.17 2.15
C ILE B 252 -10.88 25.47 3.10
N ASP B 253 -11.63 24.50 2.57
CA ASP B 253 -12.49 23.66 3.38
C ASP B 253 -11.80 22.32 3.61
N VAL B 254 -11.58 22.00 4.89
CA VAL B 254 -10.85 20.79 5.27
C VAL B 254 -11.62 19.89 6.25
N ILE B 255 -11.25 18.61 6.26
CA ILE B 255 -11.73 17.67 7.26
C ILE B 255 -10.61 17.44 8.27
N LEU B 256 -10.83 17.92 9.49
CA LEU B 256 -9.88 17.71 10.58
C LEU B 256 -10.23 16.40 11.28
N SER B 257 -9.47 15.36 10.97
CA SER B 257 -9.72 14.01 11.45
C SER B 257 -8.92 13.69 12.70
N ASN B 258 -7.83 14.43 12.94
CA ASN B 258 -7.15 14.31 14.22
C ASN B 258 -6.48 15.58 14.71
N GLY B 259 -6.49 15.80 16.02
CA GLY B 259 -5.82 16.94 16.60
C GLY B 259 -6.61 18.23 16.70
N TYR B 260 -5.88 19.33 16.85
CA TYR B 260 -6.47 20.65 17.04
C TYR B 260 -5.94 21.61 16.00
N LEU B 261 -6.77 22.55 15.57
CA LEU B 261 -6.27 23.69 14.81
C LEU B 261 -6.65 24.98 15.51
N ARG B 262 -5.75 25.94 15.51
CA ARG B 262 -5.97 27.18 16.24
C ARG B 262 -5.66 28.39 15.39
N GLU B 263 -6.48 29.42 15.52
CA GLU B 263 -6.21 30.67 14.86
C GLU B 263 -4.83 31.16 15.27
N GLY B 264 -4.02 31.50 14.26
CA GLY B 264 -2.65 31.92 14.48
C GLY B 264 -1.66 30.83 14.15
N ASP B 265 -2.11 29.59 14.06
CA ASP B 265 -1.23 28.47 13.72
C ASP B 265 -0.45 28.66 12.42
N ARG B 266 0.84 28.37 12.45
CA ARG B 266 1.67 28.34 11.23
C ARG B 266 1.47 27.02 10.53
N ILE B 267 1.10 27.07 9.26
CA ILE B 267 0.83 25.85 8.54
C ILE B 267 1.53 25.79 7.19
N VAL B 268 1.81 24.57 6.76
CA VAL B 268 2.38 24.33 5.45
C VAL B 268 1.42 23.44 4.67
N LEU B 269 1.22 23.78 3.40
CA LEU B 269 0.34 23.00 2.56
C LEU B 269 0.93 22.78 1.18
N CYS B 270 0.43 21.75 0.53
CA CYS B 270 0.85 21.42 -0.81
C CYS B 270 0.17 22.34 -1.82
N GLY B 271 0.97 22.97 -2.68
CA GLY B 271 0.47 23.85 -3.69
C GLY B 271 0.89 23.42 -5.08
N MET B 272 0.09 23.77 -6.06
CA MET B 272 0.34 23.39 -7.45
C MET B 272 1.68 23.89 -7.97
N ASN B 273 2.20 24.95 -7.37
CA ASN B 273 3.49 25.55 -7.75
C ASN B 273 4.59 25.38 -6.71
N GLY B 274 4.46 24.40 -5.83
CA GLY B 274 5.40 24.27 -4.74
C GLY B 274 4.69 24.43 -3.41
N PRO B 275 5.43 24.26 -2.31
CA PRO B 275 4.82 24.35 -0.98
C PRO B 275 4.37 25.76 -0.61
N ILE B 276 3.29 25.82 0.14
CA ILE B 276 2.76 27.06 0.65
C ILE B 276 2.96 27.09 2.16
N VAL B 277 3.44 28.22 2.67
CA VAL B 277 3.48 28.38 4.11
C VAL B 277 2.72 29.65 4.45
N THR B 278 1.88 29.57 5.48
CA THR B 278 1.02 30.68 5.85
C THR B 278 0.59 30.51 7.31
N ASN B 279 -0.22 31.43 7.83
CA ASN B 279 -0.77 31.37 9.20
C ASN B 279 -2.30 31.41 9.19
N ILE B 280 -2.94 30.55 9.97
CA ILE B 280 -4.41 30.57 10.05
C ILE B 280 -4.91 31.92 10.57
N ARG B 281 -5.70 32.62 9.76
CA ARG B 281 -6.29 33.92 10.12
C ARG B 281 -7.65 33.72 10.76
N ALA B 282 -8.42 32.77 10.24
CA ALA B 282 -9.73 32.50 10.83
C ALA B 282 -10.11 31.02 10.72
N LEU B 283 -10.80 30.52 11.74
CA LEU B 283 -11.42 29.20 11.68
C LEU B 283 -12.93 29.38 11.74
N LEU B 284 -13.61 28.88 10.72
CA LEU B 284 -15.01 29.21 10.47
C LEU B 284 -15.90 27.98 10.30
N THR B 285 -17.04 27.99 11.00
CA THR B 285 -18.09 26.98 10.81
C THR B 285 -19.41 27.70 10.54
N PRO B 286 -20.44 26.99 10.03
CA PRO B 286 -21.66 27.73 9.73
C PRO B 286 -22.41 28.25 10.93
N GLN B 287 -22.99 29.43 10.79
CA GLN B 287 -23.89 29.96 11.81
C GLN B 287 -25.30 29.41 11.56
N PRO B 288 -25.80 28.59 12.49
CA PRO B 288 -27.10 27.95 12.30
C PRO B 288 -28.33 28.87 12.44
N LEU B 289 -28.22 29.93 13.22
CA LEU B 289 -29.38 30.78 13.49
C LEU B 289 -29.53 31.89 12.46
N ARG B 290 -30.68 31.91 11.80
CA ARG B 290 -30.98 32.90 10.78
C ARG B 290 -30.78 34.31 11.29
N GLU B 291 -31.21 34.55 12.52
CA GLU B 291 -31.08 35.87 13.10
C GLU B 291 -29.62 36.31 13.22
N LEU B 292 -28.74 35.39 13.60
CA LEU B 292 -27.34 35.78 13.74
C LEU B 292 -26.67 35.87 12.38
N ARG B 293 -27.20 35.16 11.40
CA ARG B 293 -26.63 35.20 10.06
C ARG B 293 -26.83 36.56 9.42
N LEU B 294 -27.75 37.34 9.97
CA LEU B 294 -27.96 38.69 9.48
C LEU B 294 -26.73 39.55 9.75
N LYS B 295 -25.99 39.20 10.79
CA LYS B 295 -24.74 39.89 11.09
C LYS B 295 -23.50 39.11 10.63
N SER B 296 -23.54 37.77 10.70
CA SER B 296 -22.38 36.96 10.28
C SER B 296 -22.76 35.54 9.88
N GLU B 297 -22.29 35.11 8.70
CA GLU B 297 -22.57 33.76 8.19
C GLU B 297 -21.83 32.66 8.90
N TYR B 298 -20.78 33.03 9.64
CA TYR B 298 -19.89 32.05 10.27
C TYR B 298 -19.70 32.28 11.75
N VAL B 299 -19.42 31.19 12.44
CA VAL B 299 -18.93 31.22 13.80
C VAL B 299 -17.41 31.10 13.69
N HIS B 300 -16.70 32.05 14.32
CA HIS B 300 -15.24 32.09 14.39
C HIS B 300 -14.78 31.30 15.61
N HIS B 301 -13.67 30.58 15.48
CA HIS B 301 -13.17 29.77 16.59
C HIS B 301 -11.69 30.07 16.83
N LYS B 302 -11.30 30.33 18.08
CA LYS B 302 -9.88 30.44 18.42
C LYS B 302 -9.22 29.05 18.26
N GLU B 303 -10.01 28.01 18.54
CA GLU B 303 -9.57 26.64 18.52
C GLU B 303 -10.67 25.72 18.06
N VAL B 304 -10.33 24.70 17.26
CA VAL B 304 -11.25 23.61 16.89
C VAL B 304 -10.55 22.29 17.10
N LYS B 305 -11.33 21.24 17.30
CA LYS B 305 -10.79 19.91 17.52
C LYS B 305 -11.45 18.89 16.59
N ALA B 306 -10.69 17.89 16.17
CA ALA B 306 -11.22 16.78 15.39
C ALA B 306 -12.34 16.08 16.16
N ALA B 307 -13.34 15.52 15.47
CA ALA B 307 -13.46 15.49 14.01
C ALA B 307 -14.47 16.51 13.57
N LEU B 308 -14.10 17.32 12.57
N LEU B 308 -14.11 17.29 12.55
CA LEU B 308 -15.03 18.30 12.04
CA LEU B 308 -15.03 18.28 12.01
C LEU B 308 -14.61 18.79 10.65
C LEU B 308 -14.61 18.77 10.64
N GLY B 309 -15.57 19.34 9.92
CA GLY B 309 -15.30 19.99 8.67
C GLY B 309 -15.23 21.46 8.98
N VAL B 310 -14.14 22.12 8.59
CA VAL B 310 -13.93 23.51 8.98
C VAL B 310 -13.35 24.29 7.82
N LYS B 311 -13.71 25.56 7.75
CA LYS B 311 -13.18 26.47 6.76
C LYS B 311 -12.04 27.29 7.36
N ILE B 312 -10.94 27.34 6.64
CA ILE B 312 -9.76 28.10 7.05
C ILE B 312 -9.52 29.31 6.15
N ALA B 313 -9.39 30.48 6.77
CA ALA B 313 -8.94 31.70 6.08
C ALA B 313 -7.48 31.95 6.45
N ALA B 314 -6.67 32.21 5.42
CA ALA B 314 -5.24 32.45 5.51
C ALA B 314 -4.71 33.03 4.19
N ASN B 315 -3.59 33.73 4.21
CA ASN B 315 -2.99 34.23 2.97
C ASN B 315 -2.38 33.10 2.14
N ASP B 316 -2.35 33.32 0.83
CA ASP B 316 -1.62 32.48 -0.11
C ASP B 316 -2.21 31.08 -0.31
N LEU B 317 -3.52 30.94 -0.18
CA LEU B 317 -4.15 29.65 -0.38
C LEU B 317 -4.61 29.41 -1.83
N GLU B 318 -4.39 30.38 -2.72
CA GLU B 318 -4.94 30.31 -4.09
C GLU B 318 -4.54 29.05 -4.82
N LYS B 319 -3.30 28.61 -4.64
CA LYS B 319 -2.77 27.45 -5.37
C LYS B 319 -2.81 26.14 -4.59
N ALA B 320 -3.58 26.11 -3.50
CA ALA B 320 -3.67 24.91 -2.66
C ALA B 320 -4.23 23.71 -3.45
N VAL B 321 -3.69 22.52 -3.16
CA VAL B 321 -4.10 21.30 -3.87
C VAL B 321 -5.20 20.53 -3.12
N SER B 322 -6.29 20.20 -3.80
CA SER B 322 -7.34 19.38 -3.18
C SER B 322 -6.85 17.97 -2.97
N GLY B 323 -7.06 17.45 -1.77
CA GLY B 323 -6.53 16.15 -1.40
C GLY B 323 -5.25 16.26 -0.61
N SER B 324 -4.68 17.46 -0.57
CA SER B 324 -3.44 17.71 0.18
C SER B 324 -3.69 17.66 1.68
N ARG B 325 -2.62 17.57 2.45
CA ARG B 325 -2.76 17.55 3.90
C ARG B 325 -2.10 18.79 4.50
N LEU B 326 -2.39 19.06 5.76
CA LEU B 326 -1.89 20.24 6.45
C LEU B 326 -0.93 19.85 7.55
N LEU B 327 0.20 20.54 7.62
CA LEU B 327 1.16 20.33 8.69
C LEU B 327 1.33 21.62 9.50
N VAL B 328 1.30 21.49 10.82
CA VAL B 328 1.49 22.63 11.69
C VAL B 328 2.97 22.81 12.02
N VAL B 329 3.46 24.05 11.89
CA VAL B 329 4.85 24.31 12.21
C VAL B 329 4.98 24.87 13.61
N GLY B 330 5.58 24.07 14.48
CA GLY B 330 5.84 24.44 15.86
C GLY B 330 7.08 25.30 16.04
N PRO B 331 7.20 25.90 17.31
CA PRO B 331 8.46 26.66 17.47
C PRO B 331 9.70 25.77 17.32
N GLU B 332 9.60 24.53 17.80
CA GLU B 332 10.66 23.53 17.67
C GLU B 332 11.00 23.06 16.24
N ASP B 333 9.99 22.98 15.36
CA ASP B 333 10.13 22.39 14.01
C ASP B 333 10.96 23.16 12.97
N ASP B 334 11.50 22.44 11.98
CA ASP B 334 12.17 23.06 10.84
C ASP B 334 11.14 23.26 9.73
N GLU B 335 10.85 24.52 9.46
CA GLU B 335 9.83 24.87 8.48
C GLU B 335 10.11 24.36 7.07
N ASP B 336 11.35 24.49 6.63
CA ASP B 336 11.75 24.08 5.28
C ASP B 336 11.57 22.59 5.07
N GLU B 337 11.91 21.83 6.10
CA GLU B 337 11.78 20.38 6.04
C GLU B 337 10.33 19.96 5.96
N LEU B 338 9.48 20.64 6.72
CA LEU B 338 8.03 20.42 6.68
C LEU B 338 7.48 20.80 5.31
N MET B 339 7.98 21.89 4.75
CA MET B 339 7.57 22.33 3.43
C MET B 339 7.92 21.27 2.39
N ASP B 340 9.09 20.67 2.54
CA ASP B 340 9.47 19.54 1.71
C ASP B 340 8.54 18.35 1.96
N ASP B 341 8.22 18.12 3.24
CA ASP B 341 7.42 16.95 3.63
C ASP B 341 6.02 16.96 3.04
N VAL B 342 5.40 18.14 3.03
CA VAL B 342 4.03 18.29 2.56
C VAL B 342 3.91 17.97 1.07
N MET B 343 4.95 18.31 0.32
CA MET B 343 4.99 18.12 -1.13
C MET B 343 5.16 16.66 -1.55
N ASP B 344 5.44 15.78 -0.60
CA ASP B 344 5.88 14.43 -0.94
C ASP B 344 4.88 13.65 -1.81
N ASP B 345 3.59 13.77 -1.51
CA ASP B 345 2.60 13.03 -2.30
C ASP B 345 2.52 13.50 -3.76
N LEU B 346 2.48 14.82 -3.97
CA LEU B 346 2.45 15.37 -5.31
C LEU B 346 3.74 15.11 -6.08
N THR B 347 4.85 15.26 -5.38
CA THR B 347 6.18 15.07 -5.97
C THR B 347 6.34 13.62 -6.44
N GLY B 348 5.85 12.70 -5.61
CA GLY B 348 5.82 11.28 -5.94
C GLY B 348 5.03 11.00 -7.20
N LEU B 349 3.88 11.66 -7.35
CA LEU B 349 3.13 11.53 -8.60
C LEU B 349 3.90 12.10 -9.79
N LEU B 350 4.60 13.22 -9.57
CA LEU B 350 5.32 13.91 -10.65
C LEU B 350 6.46 13.02 -11.18
N ASP B 351 7.10 12.27 -10.29
CA ASP B 351 8.24 11.42 -10.64
C ASP B 351 7.87 10.22 -11.50
N SER B 352 6.59 9.87 -11.48
CA SER B 352 6.09 8.71 -12.19
C SER B 352 5.89 8.89 -13.69
N VAL B 353 6.15 10.09 -14.21
CA VAL B 353 5.82 10.39 -15.59
C VAL B 353 7.07 10.70 -16.38
N ASP B 354 6.99 10.48 -17.69
CA ASP B 354 8.10 10.79 -18.58
C ASP B 354 7.88 12.13 -19.25
N THR B 355 8.51 13.14 -18.70
CA THR B 355 8.36 14.50 -19.20
C THR B 355 9.11 14.65 -20.53
N THR B 356 10.05 13.73 -20.77
CA THR B 356 10.86 13.71 -21.99
C THR B 356 10.16 13.08 -23.19
N GLY B 357 9.47 11.97 -22.94
CA GLY B 357 8.89 11.18 -24.01
C GLY B 357 7.70 11.82 -24.68
N LYS B 358 7.21 11.14 -25.72
CA LYS B 358 5.95 11.51 -26.36
C LYS B 358 4.82 11.02 -25.44
N GLY B 359 3.76 11.80 -25.30
CA GLY B 359 2.65 11.43 -24.43
C GLY B 359 1.55 12.46 -24.31
N VAL B 360 0.45 12.09 -23.65
CA VAL B 360 -0.65 13.02 -23.38
C VAL B 360 -0.37 13.91 -22.15
N VAL B 361 -1.13 14.99 -22.04
CA VAL B 361 -1.13 15.83 -20.85
C VAL B 361 -2.38 15.45 -20.07
N VAL B 362 -2.25 15.32 -18.76
CA VAL B 362 -3.33 14.85 -17.89
C VAL B 362 -3.68 15.90 -16.84
N GLN B 363 -4.96 16.07 -16.53
CA GLN B 363 -5.34 17.02 -15.49
C GLN B 363 -6.55 16.51 -14.71
N ALA B 364 -6.47 16.54 -13.39
CA ALA B 364 -7.53 15.96 -12.57
C ALA B 364 -7.85 16.83 -11.37
N SER B 365 -8.96 16.53 -10.71
CA SER B 365 -9.46 17.38 -9.66
C SER B 365 -8.63 17.35 -8.38
N THR B 366 -8.23 16.15 -7.97
CA THR B 366 -7.61 15.96 -6.67
C THR B 366 -6.40 15.06 -6.76
N LEU B 367 -5.69 14.91 -5.63
CA LEU B 367 -4.60 13.95 -5.58
C LEU B 367 -5.17 12.55 -5.82
N GLY B 368 -6.30 12.24 -5.20
CA GLY B 368 -6.91 10.93 -5.37
C GLY B 368 -7.35 10.62 -6.79
N SER B 369 -8.05 11.56 -7.42
CA SER B 369 -8.56 11.30 -8.76
C SER B 369 -7.42 11.29 -9.77
N LEU B 370 -6.41 12.12 -9.53
CA LEU B 370 -5.22 12.12 -10.38
C LEU B 370 -4.49 10.79 -10.29
N GLU B 371 -4.33 10.29 -9.06
CA GLU B 371 -3.71 8.99 -8.81
C GLU B 371 -4.49 7.89 -9.54
N ALA B 372 -5.81 7.93 -9.40
CA ALA B 372 -6.67 6.93 -10.04
C ALA B 372 -6.51 6.92 -11.56
N LEU B 373 -6.58 8.11 -12.14
CA LEU B 373 -6.43 8.27 -13.58
C LEU B 373 -5.06 7.81 -14.10
N LEU B 374 -3.99 8.19 -13.39
CA LEU B 374 -2.62 7.80 -13.79
C LEU B 374 -2.36 6.29 -13.69
N ASP B 375 -2.84 5.69 -12.61
CA ASP B 375 -2.73 4.24 -12.43
C ASP B 375 -3.45 3.56 -13.58
N PHE B 376 -4.64 4.08 -13.88
CA PHE B 376 -5.39 3.54 -15.01
C PHE B 376 -4.64 3.62 -16.34
N LEU B 377 -4.06 4.79 -16.63
CA LEU B 377 -3.34 5.01 -17.88
C LEU B 377 -2.07 4.16 -17.96
N LYS B 378 -1.47 3.87 -16.82
CA LYS B 378 -0.33 2.97 -16.81
C LYS B 378 -0.82 1.57 -17.17
N ASP B 379 -1.96 1.18 -16.58
CA ASP B 379 -2.54 -0.13 -16.89
C ASP B 379 -2.84 -0.32 -18.38
N MET B 380 -3.04 0.79 -19.09
CA MET B 380 -3.46 0.75 -20.48
C MET B 380 -2.34 1.12 -21.46
N LYS B 381 -1.10 1.12 -20.98
CA LYS B 381 0.10 1.42 -21.79
C LYS B 381 -0.03 2.75 -22.53
N ILE B 382 -0.69 3.71 -21.90
CA ILE B 382 -0.84 5.04 -22.49
C ILE B 382 0.12 6.02 -21.82
N PRO B 383 1.10 6.50 -22.58
CA PRO B 383 2.16 7.39 -22.07
C PRO B 383 1.68 8.81 -21.69
N VAL B 384 2.17 9.33 -20.58
CA VAL B 384 1.82 10.68 -20.17
C VAL B 384 3.07 11.55 -19.99
N MET B 385 3.22 12.54 -20.85
CA MET B 385 4.26 13.56 -20.72
C MET B 385 4.10 14.54 -19.53
N SER B 386 2.87 14.98 -19.27
CA SER B 386 2.62 16.02 -18.29
C SER B 386 1.36 15.79 -17.46
N ILE B 387 1.32 16.37 -16.26
CA ILE B 387 0.21 16.19 -15.36
C ILE B 387 -0.14 17.53 -14.73
N GLY B 388 -1.36 17.67 -14.23
CA GLY B 388 -1.79 18.92 -13.64
C GLY B 388 -3.01 18.70 -12.76
N LEU B 389 -3.37 19.73 -12.00
CA LEU B 389 -4.49 19.64 -11.08
C LEU B 389 -5.45 20.82 -11.21
N GLY B 390 -6.74 20.55 -11.02
CA GLY B 390 -7.75 21.60 -11.01
C GLY B 390 -8.22 21.99 -12.40
N PRO B 391 -8.94 23.13 -12.48
CA PRO B 391 -9.50 23.68 -13.72
C PRO B 391 -8.48 23.87 -14.85
N VAL B 392 -8.89 23.64 -16.09
CA VAL B 392 -7.98 23.75 -17.23
C VAL B 392 -7.92 25.16 -17.82
N TYR B 393 -6.69 25.64 -18.00
CA TYR B 393 -6.44 26.93 -18.60
C TYR B 393 -5.68 26.77 -19.89
N LYS B 394 -5.52 27.87 -20.60
CA LYS B 394 -4.86 27.83 -21.89
C LYS B 394 -3.43 27.33 -21.75
N ARG B 395 -2.78 27.69 -20.65
CA ARG B 395 -1.39 27.29 -20.39
C ARG B 395 -1.20 25.79 -20.16
N ASP B 396 -2.24 25.14 -19.65
CA ASP B 396 -2.24 23.71 -19.44
C ASP B 396 -2.37 23.06 -20.80
N VAL B 397 -3.24 23.64 -21.62
CA VAL B 397 -3.47 23.20 -23.00
C VAL B 397 -2.19 23.26 -23.81
N MET B 398 -1.46 24.35 -23.62
CA MET B 398 -0.21 24.61 -24.32
C MET B 398 0.81 23.48 -24.14
N LYS B 399 0.69 22.78 -23.03
CA LYS B 399 1.61 21.69 -22.72
C LYS B 399 1.52 20.61 -23.80
N ALA B 400 0.34 20.49 -24.41
CA ALA B 400 0.06 19.48 -25.43
C ALA B 400 0.52 19.93 -26.80
N SER B 401 0.76 21.23 -26.95
CA SER B 401 1.19 21.82 -28.21
C SER B 401 2.42 21.11 -28.74
N THR B 402 3.32 20.76 -27.82
CA THR B 402 4.58 20.10 -28.16
C THR B 402 4.42 18.80 -28.93
N MET B 403 3.30 18.11 -28.73
CA MET B 403 3.10 16.82 -29.36
C MET B 403 2.72 16.92 -30.84
N LEU B 404 2.21 18.08 -31.22
CA LEU B 404 1.67 18.28 -32.55
C LEU B 404 2.69 17.92 -33.63
N GLU B 405 3.95 18.33 -33.41
CA GLU B 405 5.02 17.98 -34.33
C GLU B 405 5.49 16.55 -34.12
N LYS B 406 5.71 16.18 -32.86
CA LYS B 406 6.15 14.83 -32.53
C LYS B 406 5.13 13.76 -32.94
N ALA B 407 3.99 13.78 -32.26
CA ALA B 407 3.01 12.75 -32.46
C ALA B 407 1.63 13.35 -32.35
N PRO B 408 0.97 13.56 -33.48
CA PRO B 408 -0.38 14.11 -33.49
C PRO B 408 -1.34 13.21 -32.72
N GLU B 409 -1.00 11.93 -32.62
CA GLU B 409 -1.84 10.96 -31.93
C GLU B 409 -1.85 11.24 -30.43
N TYR B 410 -0.86 11.98 -29.95
CA TYR B 410 -0.74 12.28 -28.52
C TYR B 410 -0.84 13.77 -28.19
N ALA B 411 -1.29 14.58 -29.13
CA ALA B 411 -1.49 16.00 -28.84
C ALA B 411 -2.85 16.23 -28.22
N VAL B 412 -3.10 15.60 -27.07
CA VAL B 412 -4.39 15.76 -26.38
C VAL B 412 -4.26 15.95 -24.88
N MET B 413 -5.31 16.51 -24.28
CA MET B 413 -5.45 16.57 -22.83
C MET B 413 -6.55 15.62 -22.36
N LEU B 414 -6.21 14.81 -21.36
CA LEU B 414 -7.18 13.98 -20.67
C LEU B 414 -7.54 14.57 -19.30
N CYS B 415 -8.81 14.96 -19.14
CA CYS B 415 -9.27 15.67 -17.94
C CYS B 415 -10.31 14.91 -17.14
N PHE B 416 -10.07 14.78 -15.84
CA PHE B 416 -11.00 14.08 -14.97
C PHE B 416 -11.57 15.03 -13.92
N ASP B 417 -12.89 15.17 -13.91
CA ASP B 417 -13.58 15.95 -12.89
C ASP B 417 -13.09 17.40 -12.77
N VAL B 418 -12.81 18.03 -13.90
CA VAL B 418 -12.31 19.40 -13.90
C VAL B 418 -12.98 20.27 -14.95
N LYS B 419 -12.94 21.58 -14.76
CA LYS B 419 -13.56 22.52 -15.70
C LYS B 419 -12.55 23.05 -16.71
N VAL B 420 -12.99 23.25 -17.95
CA VAL B 420 -12.14 23.83 -19.00
C VAL B 420 -12.53 25.26 -19.31
N ASP B 421 -11.53 26.14 -19.31
CA ASP B 421 -11.75 27.56 -19.58
C ASP B 421 -12.14 27.79 -21.03
N LYS B 422 -13.03 28.76 -21.23
CA LYS B 422 -13.48 29.14 -22.56
C LYS B 422 -12.30 29.51 -23.43
N GLU B 423 -11.39 30.31 -22.89
CA GLU B 423 -10.19 30.66 -23.59
C GLU B 423 -9.32 29.45 -23.86
N ALA B 424 -9.25 28.54 -22.88
CA ALA B 424 -8.43 27.35 -23.01
C ALA B 424 -8.97 26.48 -24.13
N GLU B 425 -10.28 26.30 -24.13
CA GLU B 425 -10.96 25.52 -25.15
C GLU B 425 -10.75 26.15 -26.53
N GLN B 426 -10.90 27.48 -26.58
CA GLN B 426 -10.73 28.20 -27.83
C GLN B 426 -9.31 28.02 -28.36
N TYR B 427 -8.34 28.03 -27.46
CA TYR B 427 -6.94 27.81 -27.80
C TYR B 427 -6.74 26.40 -28.37
N ALA B 428 -7.42 25.43 -27.76
CA ALA B 428 -7.30 24.04 -28.20
C ALA B 428 -7.86 23.89 -29.61
N GLU B 429 -9.00 24.53 -29.87
CA GLU B 429 -9.60 24.55 -31.20
C GLU B 429 -8.60 25.19 -32.16
N GLN B 430 -8.02 26.29 -31.69
CA GLN B 430 -7.07 27.10 -32.44
C GLN B 430 -5.80 26.35 -32.84
N GLU B 431 -5.40 25.38 -32.04
CA GLU B 431 -4.17 24.68 -32.37
C GLU B 431 -4.40 23.24 -32.84
N GLY B 432 -5.64 22.78 -32.76
CA GLY B 432 -5.93 21.41 -33.13
C GLY B 432 -5.50 20.47 -32.04
N ILE B 433 -5.58 20.96 -30.80
CA ILE B 433 -5.35 20.12 -29.64
C ILE B 433 -6.69 19.62 -29.12
N LYS B 434 -6.85 18.30 -29.05
CA LYS B 434 -8.10 17.71 -28.57
C LYS B 434 -8.17 17.71 -27.04
N ILE B 435 -9.36 18.02 -26.51
CA ILE B 435 -9.62 17.99 -25.07
C ILE B 435 -10.73 17.01 -24.69
N PHE B 436 -10.34 15.95 -23.98
CA PHE B 436 -11.29 14.98 -23.44
C PHE B 436 -11.53 15.24 -21.95
N ASN B 437 -12.80 15.42 -21.57
CA ASN B 437 -13.17 15.74 -20.20
C ASN B 437 -14.39 14.93 -19.81
N ALA B 438 -14.29 14.22 -18.70
CA ALA B 438 -15.38 13.38 -18.20
C ALA B 438 -15.24 13.20 -16.69
N ASP B 439 -16.29 12.67 -16.06
CA ASP B 439 -16.23 12.39 -14.63
C ASP B 439 -16.29 10.89 -14.37
N VAL B 440 -16.11 10.11 -15.43
CA VAL B 440 -15.89 8.68 -15.30
C VAL B 440 -14.75 8.27 -16.22
N ILE B 441 -13.79 7.55 -15.66
CA ILE B 441 -12.55 7.26 -16.36
C ILE B 441 -12.72 6.51 -17.70
N TYR B 442 -13.59 5.51 -17.74
CA TYR B 442 -13.74 4.73 -18.96
C TYR B 442 -14.35 5.56 -20.10
N HIS B 443 -15.08 6.62 -19.76
CA HIS B 443 -15.55 7.56 -20.77
C HIS B 443 -14.36 8.12 -21.52
N LEU B 444 -13.38 8.59 -20.74
CA LEU B 444 -12.14 9.13 -21.26
C LEU B 444 -11.44 8.10 -22.13
N PHE B 445 -11.32 6.86 -21.62
CA PHE B 445 -10.63 5.81 -22.38
C PHE B 445 -11.27 5.59 -23.74
N ASP B 446 -12.59 5.44 -23.72
CA ASP B 446 -13.34 5.14 -24.93
C ASP B 446 -13.17 6.26 -25.96
N SER B 447 -13.28 7.51 -25.50
CA SER B 447 -13.13 8.65 -26.40
C SER B 447 -11.74 8.71 -27.03
N PHE B 448 -10.71 8.53 -26.21
CA PHE B 448 -9.32 8.57 -26.71
C PHE B 448 -9.06 7.46 -27.74
N THR B 449 -9.45 6.23 -27.43
CA THR B 449 -9.22 5.09 -28.35
C THR B 449 -9.94 5.29 -29.67
N ALA B 450 -11.21 5.69 -29.58
CA ALA B 450 -11.97 6.01 -30.78
C ALA B 450 -11.22 7.04 -31.62
N TYR B 451 -10.70 8.08 -30.96
CA TYR B 451 -9.93 9.12 -31.64
C TYR B 451 -8.71 8.52 -32.39
N GLN B 452 -7.95 7.67 -31.70
CA GLN B 452 -6.78 7.02 -32.32
C GLN B 452 -7.15 6.20 -33.56
N GLU B 453 -8.15 5.35 -33.38
CA GLU B 453 -8.62 4.47 -34.45
C GLU B 453 -9.05 5.30 -35.66
N LYS B 454 -9.77 6.40 -35.40
CA LYS B 454 -10.17 7.34 -36.46
C LYS B 454 -8.93 7.90 -37.18
N LEU B 455 -7.91 8.31 -36.41
CA LEU B 455 -6.68 8.82 -37.02
C LEU B 455 -6.00 7.76 -37.90
N LEU B 456 -6.27 6.48 -37.59
CA LEU B 456 -5.74 5.38 -38.37
C LEU B 456 -6.41 5.16 -39.74
N GLU B 457 -7.57 5.77 -39.98
CA GLU B 457 -8.27 5.61 -41.25
C GLU B 457 -7.89 6.71 -42.22
C1 GOL C . 10.74 -2.87 29.72
O1 GOL C . 12.02 -2.59 30.23
C2 GOL C . 10.30 -4.28 30.12
O2 GOL C . 10.98 -4.68 31.29
C3 GOL C . 8.80 -4.31 30.37
O3 GOL C . 8.40 -5.63 30.62
C1 EDO D . 36.79 -19.64 24.57
O1 EDO D . 36.46 -20.35 23.37
C2 EDO D . 35.65 -18.68 24.89
O2 EDO D . 35.16 -18.07 23.68
C1 EDO E . 14.12 -19.23 6.50
O1 EDO E . 13.22 -19.94 5.63
C2 EDO E . 13.76 -19.49 7.96
O2 EDO E . 14.82 -20.16 8.65
C1 EDO F . 8.47 -15.87 -2.32
O1 EDO F . 9.23 -15.39 -1.21
C2 EDO F . 7.23 -15.00 -2.55
O2 EDO F . 7.60 -13.67 -2.93
C1 GOL G . -14.63 8.72 24.23
O1 GOL G . -13.60 8.98 23.26
C2 GOL G . -15.89 9.47 23.86
O2 GOL G . -15.90 10.75 24.50
C3 GOL G . -17.12 8.69 24.32
O3 GOL G . -17.99 9.58 25.03
#